data_1EG5
#
_entry.id   1EG5
#
_cell.length_a   114.110
_cell.length_b   114.110
_cell.length_c   156.960
_cell.angle_alpha   90.00
_cell.angle_beta   90.00
_cell.angle_gamma   120.00
#
_symmetry.space_group_name_H-M   'P 31 2 1'
#
loop_
_entity.id
_entity.type
_entity.pdbx_description
1 polymer AMINOTRANSFERASE
2 non-polymer 'SULFATE ION'
3 non-polymer "PYRIDOXAL-5'-PHOSPHATE"
4 water water
#
_entity_poly.entity_id   1
_entity_poly.type   'polypeptide(L)'
_entity_poly.pdbx_seq_one_letter_code
;(MSE)RVYFDNNATTRVDDRVLEE(MSE)IVFYREKYGNPNSAHG(MSE)GIEANLH(MSE)EKAREKVAKVLGVSPSEI
FFTSCATESINWILKTVAETFEKRKRTIITTPIEHKAVLET(MSE)KYLS(MSE)KGFKVKYVPVDSRGVVKLEELEKLV
DEDTFLVSI(MSE)AANNEVGTIQPVEDVTRIVKKKNKETLVHVDAVQTIGKIPFSLEKLEVDYASFSAHKFHGPKGVGI
TYIRKGVPIRPLIHGGGQERGLRSGTQNVPGIVGAARA(MSE)EIAVEELSEAAKH(MSE)EKLRSKLVSGL(MSE)NLG
AHIITPLEISLPNTLSVSFPNIRGSTLQNLLSGYGIYVSTSSACTSKDERLRHVLDA(MSE)GVDRRIAQGAIRISLCKY
NTEEEVDYFLKKIEEILSFLDLTGNNRR
;
_entity_poly.pdbx_strand_id   A,B
#
# COMPACT_ATOMS: atom_id res chain seq x y z
N ARG A 2 -10.22 -0.38 29.96
CA ARG A 2 -9.24 -0.42 28.88
C ARG A 2 -8.83 1.04 28.55
N VAL A 3 -7.55 1.36 28.68
CA VAL A 3 -7.06 2.70 28.43
C VAL A 3 -5.97 2.70 27.37
N TYR A 4 -6.33 3.17 26.18
CA TYR A 4 -5.40 3.21 25.06
C TYR A 4 -4.67 4.54 25.00
N PHE A 5 -3.42 4.55 25.42
CA PHE A 5 -2.60 5.76 25.41
C PHE A 5 -1.45 5.54 24.46
N ASP A 6 -1.72 4.95 23.30
CA ASP A 6 -0.64 4.72 22.33
C ASP A 6 -1.08 5.21 20.95
N ASN A 7 -1.73 6.36 20.96
CA ASN A 7 -2.26 6.95 19.74
C ASN A 7 -1.25 7.45 18.72
N ASN A 8 0.01 7.60 19.12
CA ASN A 8 1.03 8.02 18.18
C ASN A 8 1.53 6.82 17.36
N ALA A 9 1.22 5.61 17.82
CA ALA A 9 1.63 4.38 17.11
C ALA A 9 0.57 4.09 16.05
N THR A 10 -0.71 4.29 16.43
CA THR A 10 -1.85 4.12 15.56
C THR A 10 -3.09 4.47 16.39
N THR A 11 -4.21 4.70 15.72
CA THR A 11 -5.43 5.08 16.43
C THR A 11 -6.61 4.23 15.97
N ARG A 12 -7.71 4.29 16.72
CA ARG A 12 -8.92 3.57 16.35
C ARG A 12 -9.63 4.43 15.27
N VAL A 13 -10.15 3.79 14.23
CA VAL A 13 -10.84 4.53 13.17
C VAL A 13 -12.11 5.13 13.74
N ASP A 14 -12.36 6.39 13.38
CA ASP A 14 -13.55 7.11 13.81
C ASP A 14 -14.78 6.40 13.21
N ASP A 15 -15.84 6.24 14.01
CA ASP A 15 -17.07 5.58 13.56
C ASP A 15 -17.65 6.24 12.31
N ARG A 16 -17.55 7.55 12.22
CA ARG A 16 -18.04 8.30 11.07
C ARG A 16 -17.21 7.94 9.84
N VAL A 17 -15.92 7.70 10.04
CA VAL A 17 -15.03 7.32 8.95
C VAL A 17 -15.37 5.91 8.46
N LEU A 18 -15.53 4.97 9.40
CA LEU A 18 -15.84 3.59 9.07
C LEU A 18 -17.15 3.47 8.32
N GLU A 19 -18.15 4.23 8.75
CA GLU A 19 -19.46 4.21 8.11
C GLU A 19 -19.33 4.54 6.62
N GLU A 20 -18.51 5.55 6.30
CA GLU A 20 -18.32 5.91 4.89
C GLU A 20 -17.55 4.85 4.09
N ILE A 22 -17.44 1.53 4.57
CA ILE A 22 -18.26 0.35 4.31
C ILE A 22 -19.03 0.37 2.99
N VAL A 23 -19.44 1.57 2.58
CA VAL A 23 -20.18 1.77 1.35
C VAL A 23 -19.33 1.34 0.14
N PHE A 24 -18.03 1.63 0.21
CA PHE A 24 -17.11 1.30 -0.87
C PHE A 24 -16.68 -0.15 -0.94
N TYR A 25 -16.91 -0.89 0.14
CA TYR A 25 -16.61 -2.32 0.19
C TYR A 25 -17.81 -3.10 -0.36
N ARG A 26 -19.00 -2.66 0.03
CA ARG A 26 -20.26 -3.32 -0.29
C ARG A 26 -21.06 -2.88 -1.51
N GLU A 27 -21.13 -1.57 -1.73
CA GLU A 27 -21.92 -1.05 -2.83
C GLU A 27 -21.14 -0.41 -3.96
N LYS A 28 -20.28 0.53 -3.62
CA LYS A 28 -19.50 1.29 -4.58
C LYS A 28 -18.10 0.73 -4.68
N TYR A 29 -18.06 -0.53 -5.08
CA TYR A 29 -16.82 -1.27 -5.18
C TYR A 29 -16.16 -1.31 -6.55
N GLY A 30 -16.64 -0.47 -7.48
CA GLY A 30 -16.03 -0.47 -8.80
C GLY A 30 -14.56 -0.05 -8.82
N ASN A 31 -13.86 -0.47 -9.88
CA ASN A 31 -12.48 -0.08 -10.04
C ASN A 31 -12.52 1.36 -10.57
N PRO A 32 -11.89 2.32 -9.85
CA PRO A 32 -11.90 3.73 -10.29
C PRO A 32 -11.30 4.00 -11.67
N ASN A 33 -10.63 3.01 -12.25
CA ASN A 33 -10.04 3.16 -13.57
C ASN A 33 -10.93 2.57 -14.65
N SER A 34 -12.00 1.90 -14.24
CA SER A 34 -12.93 1.28 -15.18
C SER A 34 -13.73 2.38 -15.88
N ALA A 35 -13.96 2.22 -17.17
CA ALA A 35 -14.70 3.22 -17.93
C ALA A 35 -16.22 3.20 -17.75
N HIS A 36 -16.75 2.14 -17.13
CA HIS A 36 -18.19 2.04 -16.95
C HIS A 36 -18.74 2.80 -15.74
N GLY A 37 -20.06 2.73 -15.57
CA GLY A 37 -20.72 3.45 -14.49
C GLY A 37 -20.20 3.27 -13.08
N GLY A 39 -17.23 2.31 -12.30
CA GLY A 39 -15.87 2.80 -12.29
C GLY A 39 -15.90 4.30 -12.13
N ILE A 40 -16.82 4.96 -12.85
CA ILE A 40 -16.98 6.41 -12.81
C ILE A 40 -17.39 6.81 -11.39
N GLU A 41 -18.32 6.06 -10.83
CA GLU A 41 -18.79 6.35 -9.49
C GLU A 41 -17.63 6.27 -8.48
N ALA A 42 -16.80 5.23 -8.60
CA ALA A 42 -15.69 5.11 -7.66
C ALA A 42 -14.67 6.22 -7.88
N ASN A 43 -14.39 6.49 -9.15
CA ASN A 43 -13.43 7.54 -9.49
C ASN A 43 -13.91 8.87 -8.93
N LEU A 44 -15.21 9.12 -9.04
CA LEU A 44 -15.80 10.37 -8.56
C LEU A 44 -15.55 10.57 -7.08
N HIS A 45 -15.89 9.55 -6.29
CA HIS A 45 -15.67 9.64 -4.87
C HIS A 45 -14.20 9.71 -4.52
N GLU A 47 -11.97 11.21 -6.37
CA GLU A 47 -11.56 12.58 -6.65
C GLU A 47 -12.11 13.56 -5.60
N LYS A 48 -13.29 13.26 -5.05
CA LYS A 48 -13.85 14.09 -3.99
C LYS A 48 -12.91 14.02 -2.78
N ALA A 49 -12.41 12.82 -2.48
CA ALA A 49 -11.49 12.61 -1.37
C ALA A 49 -10.25 13.45 -1.57
N ARG A 50 -9.70 13.40 -2.78
CA ARG A 50 -8.50 14.16 -3.11
C ARG A 50 -8.77 15.65 -2.90
N GLU A 51 -9.93 16.11 -3.34
CA GLU A 51 -10.29 17.52 -3.21
C GLU A 51 -10.48 17.91 -1.74
N LYS A 52 -11.04 17.00 -0.97
CA LYS A 52 -11.29 17.27 0.44
C LYS A 52 -9.95 17.40 1.18
N VAL A 53 -8.99 16.57 0.81
CA VAL A 53 -7.67 16.60 1.42
C VAL A 53 -6.95 17.90 1.02
N ALA A 54 -7.02 18.24 -0.27
CA ALA A 54 -6.38 19.46 -0.78
C ALA A 54 -6.93 20.69 -0.07
N LYS A 55 -8.23 20.74 0.09
CA LYS A 55 -8.86 21.85 0.76
C LYS A 55 -8.38 21.98 2.19
N VAL A 56 -8.30 20.87 2.92
CA VAL A 56 -7.85 20.86 4.31
C VAL A 56 -6.40 21.35 4.43
N LEU A 57 -5.55 20.91 3.52
CA LEU A 57 -4.14 21.28 3.57
C LEU A 57 -3.81 22.61 2.88
N GLY A 58 -4.82 23.21 2.23
CA GLY A 58 -4.63 24.47 1.52
C GLY A 58 -3.82 24.36 0.23
N VAL A 59 -3.96 23.26 -0.50
CA VAL A 59 -3.22 23.09 -1.75
C VAL A 59 -4.17 22.73 -2.88
N SER A 60 -3.60 22.43 -4.05
CA SER A 60 -4.41 22.05 -5.21
C SER A 60 -4.58 20.53 -5.22
N PRO A 61 -5.77 20.06 -5.64
CA PRO A 61 -6.05 18.62 -5.69
C PRO A 61 -4.99 17.85 -6.49
N SER A 62 -4.42 18.48 -7.51
CA SER A 62 -3.42 17.84 -8.37
C SER A 62 -2.08 17.62 -7.67
N GLU A 63 -1.94 18.20 -6.49
CA GLU A 63 -0.73 18.08 -5.71
C GLU A 63 -0.85 16.99 -4.63
N ILE A 64 -2.03 16.36 -4.54
CA ILE A 64 -2.28 15.28 -3.57
C ILE A 64 -2.24 13.88 -4.22
N PHE A 65 -1.41 13.01 -3.65
CA PHE A 65 -1.26 11.65 -4.15
C PHE A 65 -1.50 10.65 -3.01
N PHE A 66 -2.18 9.55 -3.32
CA PHE A 66 -2.46 8.52 -2.31
C PHE A 66 -1.54 7.31 -2.38
N THR A 67 -1.01 6.92 -1.23
CA THR A 67 -0.11 5.77 -1.14
C THR A 67 -0.63 4.78 -0.07
N SER A 68 0.14 3.74 0.19
CA SER A 68 -0.28 2.75 1.16
C SER A 68 0.08 3.12 2.61
N CYS A 69 0.95 4.12 2.76
CA CYS A 69 1.40 4.56 4.08
C CYS A 69 2.44 5.65 3.92
N ALA A 70 2.69 6.36 5.02
CA ALA A 70 3.67 7.43 5.04
C ALA A 70 5.06 6.88 4.75
N THR A 71 5.32 5.64 5.14
CA THR A 71 6.62 5.07 4.87
C THR A 71 6.82 4.95 3.35
N GLU A 72 5.78 4.51 2.63
CA GLU A 72 5.88 4.42 1.18
C GLU A 72 6.11 5.82 0.59
N SER A 73 5.36 6.81 1.07
CA SER A 73 5.48 8.18 0.59
C SER A 73 6.90 8.72 0.75
N ILE A 74 7.48 8.45 1.91
CA ILE A 74 8.80 8.89 2.27
C ILE A 74 9.81 8.22 1.36
N ASN A 75 9.65 6.91 1.14
CA ASN A 75 10.56 6.17 0.25
C ASN A 75 10.44 6.72 -1.17
N TRP A 76 9.20 6.93 -1.61
CA TRP A 76 8.90 7.42 -2.95
C TRP A 76 9.61 8.75 -3.24
N ILE A 77 9.43 9.70 -2.33
CA ILE A 77 10.01 11.02 -2.43
C ILE A 77 11.52 11.04 -2.33
N LEU A 78 12.07 10.46 -1.26
CA LEU A 78 13.51 10.47 -1.10
C LEU A 78 14.24 9.71 -2.19
N LYS A 79 13.77 8.50 -2.51
CA LYS A 79 14.45 7.71 -3.53
C LYS A 79 14.33 8.26 -4.96
N THR A 80 13.14 8.71 -5.37
CA THR A 80 13.02 9.21 -6.74
C THR A 80 13.54 10.63 -6.95
N VAL A 81 13.55 11.44 -5.89
CA VAL A 81 14.07 12.79 -6.05
C VAL A 81 15.59 12.64 -6.18
N ALA A 82 16.16 11.74 -5.39
CA ALA A 82 17.60 11.47 -5.42
C ALA A 82 17.94 10.93 -6.82
N GLU A 83 17.10 10.02 -7.31
CA GLU A 83 17.28 9.42 -8.62
C GLU A 83 17.38 10.49 -9.71
N THR A 84 16.56 11.54 -9.63
CA THR A 84 16.58 12.59 -10.65
C THR A 84 17.85 13.45 -10.59
N PHE A 85 18.52 13.46 -9.44
CA PHE A 85 19.74 14.24 -9.25
C PHE A 85 21.02 13.42 -9.38
N GLU A 86 20.91 12.15 -9.74
CA GLU A 86 22.10 11.31 -9.90
C GLU A 86 23.06 11.96 -10.89
N LYS A 87 24.34 12.00 -10.53
CA LYS A 87 25.40 12.59 -11.36
C LYS A 87 25.22 14.10 -11.59
N ARG A 88 24.53 14.76 -10.67
CA ARG A 88 24.29 16.20 -10.75
C ARG A 88 24.50 16.81 -9.37
N LYS A 89 23.74 16.33 -8.39
CA LYS A 89 23.82 16.76 -7.00
C LYS A 89 23.94 15.48 -6.19
N ARG A 90 24.49 15.57 -4.98
CA ARG A 90 24.73 14.35 -4.22
C ARG A 90 24.53 14.48 -2.70
N THR A 91 24.20 15.67 -2.24
CA THR A 91 24.04 15.90 -0.80
C THR A 91 22.59 16.02 -0.35
N ILE A 92 22.25 15.27 0.70
CA ILE A 92 20.91 15.28 1.27
C ILE A 92 21.08 15.61 2.75
N ILE A 93 20.20 16.44 3.27
CA ILE A 93 20.27 16.78 4.67
C ILE A 93 19.01 16.45 5.47
N THR A 94 19.21 15.82 6.62
CA THR A 94 18.11 15.50 7.53
C THR A 94 18.60 15.57 8.99
N THR A 95 17.78 15.13 9.94
CA THR A 95 18.14 15.17 11.35
C THR A 95 18.27 13.75 11.91
N PRO A 96 18.89 13.61 13.09
CA PRO A 96 19.03 12.27 13.67
C PRO A 96 17.79 11.80 14.41
N ILE A 97 16.79 12.66 14.57
CA ILE A 97 15.58 12.29 15.28
C ILE A 97 14.43 11.86 14.37
N GLU A 98 14.69 11.78 13.08
CA GLU A 98 13.68 11.37 12.12
C GLU A 98 13.20 9.95 12.33
N HIS A 99 12.00 9.65 11.84
CA HIS A 99 11.43 8.32 11.96
C HIS A 99 12.31 7.39 11.10
N LYS A 100 12.30 6.10 11.43
CA LYS A 100 13.09 5.12 10.68
C LYS A 100 12.75 5.06 9.20
N ALA A 101 11.54 5.48 8.82
CA ALA A 101 11.14 5.52 7.43
C ALA A 101 12.11 6.44 6.70
N VAL A 102 12.49 7.53 7.36
CA VAL A 102 13.44 8.48 6.76
C VAL A 102 14.88 8.02 6.94
N LEU A 103 15.26 7.64 8.16
CA LEU A 103 16.63 7.21 8.43
C LEU A 103 17.09 5.98 7.65
N GLU A 104 16.20 5.02 7.46
CA GLU A 104 16.56 3.81 6.74
C GLU A 104 16.70 4.07 5.25
N THR A 105 15.90 4.99 4.74
CA THR A 105 15.96 5.37 3.32
C THR A 105 17.26 6.14 3.09
N LYS A 107 19.98 5.73 4.81
CA LYS A 107 21.03 4.73 4.95
C LYS A 107 21.19 4.01 3.60
N TYR A 108 20.08 3.80 2.91
CA TYR A 108 20.09 3.17 1.60
C TYR A 108 20.70 4.12 0.56
N LEU A 109 20.28 5.38 0.57
CA LEU A 109 20.79 6.34 -0.39
C LEU A 109 22.28 6.58 -0.16
N SER A 110 22.72 6.44 1.09
CA SER A 110 24.11 6.63 1.45
C SER A 110 24.91 5.49 0.82
N LYS A 112 24.17 3.93 -1.70
CA LYS A 112 24.11 4.13 -3.15
C LYS A 112 25.03 5.25 -3.63
N GLY A 113 25.77 5.86 -2.69
CA GLY A 113 26.70 6.91 -3.04
C GLY A 113 26.33 8.34 -2.76
N PHE A 114 25.19 8.57 -2.11
CA PHE A 114 24.81 9.94 -1.79
C PHE A 114 25.43 10.37 -0.47
N LYS A 115 25.60 11.67 -0.30
CA LYS A 115 26.18 12.22 0.92
C LYS A 115 25.07 12.69 1.86
N VAL A 116 24.82 11.94 2.92
CA VAL A 116 23.79 12.32 3.87
C VAL A 116 24.40 13.02 5.08
N LYS A 117 23.95 14.25 5.32
CA LYS A 117 24.42 15.05 6.44
C LYS A 117 23.32 15.12 7.50
N TYR A 118 23.73 15.03 8.76
CA TYR A 118 22.78 15.07 9.88
C TYR A 118 22.93 16.28 10.80
N VAL A 119 21.97 17.19 10.71
CA VAL A 119 21.92 18.39 11.53
C VAL A 119 21.51 17.97 12.94
N PRO A 120 22.36 18.25 13.94
CA PRO A 120 22.04 17.87 15.33
C PRO A 120 20.85 18.61 15.93
N VAL A 121 20.33 18.04 17.01
CA VAL A 121 19.21 18.65 17.70
C VAL A 121 19.68 19.05 19.10
N ASP A 122 18.99 20.00 19.72
CA ASP A 122 19.35 20.43 21.06
C ASP A 122 18.80 19.44 22.10
N SER A 123 19.03 19.71 23.38
CA SER A 123 18.58 18.82 24.44
C SER A 123 17.06 18.67 24.54
N ARG A 124 16.32 19.56 23.85
CA ARG A 124 14.87 19.50 23.87
C ARG A 124 14.32 18.80 22.61
N GLY A 125 15.22 18.35 21.74
CA GLY A 125 14.83 17.70 20.51
C GLY A 125 14.55 18.66 19.36
N VAL A 126 14.89 19.94 19.52
CA VAL A 126 14.67 20.92 18.45
C VAL A 126 15.91 21.01 17.57
N VAL A 127 15.71 20.96 16.25
CA VAL A 127 16.82 21.02 15.28
C VAL A 127 17.64 22.32 15.46
N LYS A 128 18.96 22.19 15.47
CA LYS A 128 19.83 23.37 15.62
C LYS A 128 19.88 24.19 14.33
N LEU A 129 19.15 25.29 14.32
CA LEU A 129 19.07 26.15 13.15
C LEU A 129 20.42 26.70 12.67
N GLU A 130 21.30 27.06 13.60
CA GLU A 130 22.62 27.57 13.22
C GLU A 130 23.40 26.53 12.46
N GLU A 131 23.36 25.30 12.94
CA GLU A 131 24.08 24.20 12.28
C GLU A 131 23.45 23.88 10.92
N LEU A 132 22.13 24.11 10.80
CA LEU A 132 21.43 23.86 9.55
C LEU A 132 21.94 24.80 8.47
N GLU A 133 21.99 26.09 8.82
CA GLU A 133 22.46 27.14 7.91
C GLU A 133 23.86 26.81 7.40
N LYS A 134 24.69 26.27 8.28
CA LYS A 134 26.06 25.90 7.95
C LYS A 134 26.16 24.70 7.01
N LEU A 135 25.42 23.64 7.31
CA LEU A 135 25.44 22.41 6.53
C LEU A 135 24.88 22.44 5.11
N VAL A 136 23.83 23.22 4.90
CA VAL A 136 23.24 23.32 3.57
C VAL A 136 24.21 24.00 2.61
N ASP A 137 24.52 23.32 1.51
CA ASP A 137 25.43 23.87 0.51
C ASP A 137 24.87 23.82 -0.91
N GLU A 138 25.74 24.05 -1.89
CA GLU A 138 25.34 24.06 -3.28
C GLU A 138 25.06 22.65 -3.84
N ASP A 139 25.66 21.62 -3.24
CA ASP A 139 25.46 20.25 -3.68
C ASP A 139 24.22 19.62 -3.02
N THR A 140 23.62 20.35 -2.08
CA THR A 140 22.43 19.92 -1.36
C THR A 140 21.17 20.11 -2.21
N PHE A 141 20.58 19.00 -2.65
CA PHE A 141 19.38 19.07 -3.46
C PHE A 141 18.07 18.88 -2.68
N LEU A 142 18.17 18.29 -1.50
CA LEU A 142 16.99 18.05 -0.67
C LEU A 142 17.24 18.06 0.83
N VAL A 143 16.31 18.65 1.56
CA VAL A 143 16.36 18.67 3.01
C VAL A 143 15.07 18.04 3.52
N SER A 144 15.20 17.01 4.36
CA SER A 144 14.05 16.32 4.93
C SER A 144 14.00 16.56 6.44
N ILE A 145 12.91 17.17 6.90
CA ILE A 145 12.70 17.51 8.30
C ILE A 145 11.30 17.04 8.74
N ALA A 147 7.76 17.55 11.05
CA ALA A 147 7.03 18.64 11.67
C ALA A 147 6.98 18.51 13.19
N ALA A 148 6.94 17.27 13.67
CA ALA A 148 6.89 16.96 15.11
C ALA A 148 7.40 15.55 15.37
N ASN A 149 8.18 15.38 16.42
CA ASN A 149 8.73 14.06 16.74
C ASN A 149 7.69 13.15 17.36
N ASN A 150 7.62 11.93 16.85
CA ASN A 150 6.64 10.96 17.32
C ASN A 150 6.93 10.36 18.70
N GLU A 151 8.20 10.24 19.06
CA GLU A 151 8.58 9.67 20.36
C GLU A 151 8.44 10.61 21.54
N VAL A 152 9.01 11.81 21.44
CA VAL A 152 8.95 12.78 22.53
C VAL A 152 7.96 13.93 22.32
N GLY A 153 7.48 14.11 21.08
CA GLY A 153 6.49 15.16 20.81
C GLY A 153 6.98 16.53 20.34
N THR A 154 8.29 16.72 20.35
CA THR A 154 8.89 18.00 19.99
C THR A 154 8.48 18.56 18.63
N ILE A 155 7.82 19.70 18.63
CA ILE A 155 7.41 20.39 17.40
C ILE A 155 8.66 21.10 16.82
N GLN A 156 8.90 20.94 15.52
CA GLN A 156 10.06 21.56 14.85
C GLN A 156 9.68 22.86 14.17
N PRO A 157 10.67 23.77 14.03
CA PRO A 157 10.45 25.08 13.40
C PRO A 157 10.52 24.96 11.87
N VAL A 158 9.48 24.37 11.29
CA VAL A 158 9.42 24.14 9.84
C VAL A 158 9.58 25.40 8.99
N GLU A 159 8.90 26.47 9.36
CA GLU A 159 8.99 27.71 8.61
C GLU A 159 10.42 28.25 8.64
N ASP A 160 11.04 28.28 9.82
CA ASP A 160 12.40 28.78 9.96
C ASP A 160 13.34 27.91 9.15
N VAL A 161 13.14 26.60 9.26
CA VAL A 161 13.97 25.64 8.52
C VAL A 161 13.91 25.88 7.00
N THR A 162 12.71 26.11 6.48
CA THR A 162 12.52 26.35 5.06
C THR A 162 13.17 27.67 4.68
N ARG A 163 12.89 28.71 5.46
CA ARG A 163 13.43 30.05 5.25
C ARG A 163 14.96 30.05 5.24
N ILE A 164 15.56 29.36 6.20
CA ILE A 164 17.01 29.29 6.30
C ILE A 164 17.59 28.51 5.13
N VAL A 165 16.92 27.43 4.75
CA VAL A 165 17.35 26.59 3.64
C VAL A 165 17.30 27.30 2.30
N LYS A 166 16.25 28.11 2.07
CA LYS A 166 16.09 28.81 0.81
C LYS A 166 17.10 29.94 0.64
N LYS A 167 17.39 30.64 1.74
CA LYS A 167 18.34 31.72 1.72
C LYS A 167 19.74 31.19 1.38
N LYS A 168 20.09 30.03 1.95
CA LYS A 168 21.40 29.43 1.71
C LYS A 168 21.55 28.81 0.30
N ASN A 169 20.45 28.27 -0.24
CA ASN A 169 20.45 27.66 -1.58
C ASN A 169 18.99 27.58 -2.06
N LYS A 170 18.59 28.57 -2.85
CA LYS A 170 17.24 28.68 -3.39
C LYS A 170 16.73 27.48 -4.17
N GLU A 171 17.65 26.61 -4.61
CA GLU A 171 17.30 25.43 -5.39
C GLU A 171 17.00 24.16 -4.56
N THR A 172 17.42 24.16 -3.29
CA THR A 172 17.21 23.01 -2.43
C THR A 172 15.74 22.75 -2.13
N LEU A 173 15.32 21.50 -2.35
CA LEU A 173 13.94 21.09 -2.10
C LEU A 173 13.77 20.66 -0.65
N VAL A 174 12.58 20.91 -0.11
CA VAL A 174 12.29 20.53 1.27
C VAL A 174 11.11 19.57 1.39
N HIS A 175 11.34 18.48 2.11
CA HIS A 175 10.31 17.50 2.41
C HIS A 175 10.04 17.54 3.92
N VAL A 176 8.77 17.54 4.28
CA VAL A 176 8.38 17.53 5.69
C VAL A 176 7.57 16.28 6.06
N ASP A 177 8.11 15.48 6.96
CA ASP A 177 7.37 14.33 7.44
C ASP A 177 6.31 14.99 8.37
N ALA A 178 5.08 15.12 7.89
CA ALA A 178 4.04 15.75 8.69
C ALA A 178 3.05 14.76 9.31
N VAL A 179 3.50 13.51 9.49
CA VAL A 179 2.67 12.46 10.05
C VAL A 179 2.01 12.78 11.40
N GLN A 180 2.77 13.33 12.34
CA GLN A 180 2.22 13.62 13.67
C GLN A 180 1.51 14.95 13.83
N THR A 181 1.22 15.64 12.73
CA THR A 181 0.56 16.92 12.83
C THR A 181 -0.96 16.89 12.89
N ILE A 182 -1.58 16.34 11.85
CA ILE A 182 -3.03 16.31 11.70
C ILE A 182 -3.80 15.94 12.94
N GLY A 183 -4.66 16.85 13.40
CA GLY A 183 -5.48 16.59 14.56
C GLY A 183 -4.82 16.92 15.89
N LYS A 184 -3.52 17.24 15.84
CA LYS A 184 -2.78 17.58 17.05
C LYS A 184 -2.33 19.05 17.04
N ILE A 185 -1.73 19.50 15.94
CA ILE A 185 -1.32 20.89 15.84
C ILE A 185 -1.75 21.42 14.47
N PRO A 186 -2.01 22.73 14.36
CA PRO A 186 -2.42 23.18 13.03
C PRO A 186 -1.31 22.99 12.01
N PHE A 187 -1.68 22.59 10.81
CA PHE A 187 -0.69 22.39 9.76
C PHE A 187 -1.29 22.63 8.39
N SER A 188 -0.83 23.71 7.76
CA SER A 188 -1.27 24.08 6.43
C SER A 188 -0.03 24.20 5.55
N LEU A 189 -0.14 23.75 4.31
CA LEU A 189 0.97 23.82 3.39
C LEU A 189 0.78 25.00 2.42
N GLU A 190 -0.35 25.70 2.58
CA GLU A 190 -0.69 26.83 1.73
C GLU A 190 0.41 27.86 1.55
N LYS A 191 0.96 28.33 2.66
CA LYS A 191 2.01 29.34 2.61
C LYS A 191 3.31 28.84 3.24
N LEU A 192 3.42 27.53 3.40
CA LEU A 192 4.60 26.94 4.02
C LEU A 192 5.82 26.90 3.11
N GLU A 193 5.58 26.87 1.80
CA GLU A 193 6.67 26.84 0.84
C GLU A 193 7.59 25.62 0.88
N VAL A 194 7.02 24.45 1.12
CA VAL A 194 7.80 23.22 1.10
C VAL A 194 7.45 22.52 -0.22
N ASP A 195 8.26 21.56 -0.61
CA ASP A 195 8.04 20.89 -1.87
C ASP A 195 7.35 19.52 -1.76
N TYR A 196 7.50 18.86 -0.61
CA TYR A 196 6.89 17.56 -0.38
C TYR A 196 6.52 17.40 1.08
N ALA A 197 5.48 16.62 1.34
CA ALA A 197 5.05 16.32 2.69
C ALA A 197 4.40 14.95 2.70
N SER A 198 4.55 14.24 3.82
CA SER A 198 4.03 12.90 3.99
C SER A 198 3.09 12.86 5.17
N PHE A 199 2.03 12.06 5.04
CA PHE A 199 1.02 11.91 6.10
C PHE A 199 0.61 10.44 6.15
N SER A 200 0.06 10.04 7.29
CA SER A 200 -0.39 8.67 7.53
C SER A 200 -1.77 8.74 8.16
N ALA A 201 -2.78 8.25 7.44
CA ALA A 201 -4.15 8.35 7.95
C ALA A 201 -4.43 7.67 9.29
N HIS A 202 -3.74 6.57 9.58
CA HIS A 202 -4.02 5.86 10.82
C HIS A 202 -3.57 6.56 12.09
N LYS A 203 -2.82 7.64 11.93
CA LYS A 203 -2.39 8.44 13.08
C LYS A 203 -3.49 9.48 13.43
N PHE A 204 -4.51 9.64 12.58
CA PHE A 204 -5.61 10.58 12.87
C PHE A 204 -7.00 10.00 12.73
N HIS A 205 -7.17 8.78 13.21
CA HIS A 205 -8.46 8.10 13.18
C HIS A 205 -8.96 7.68 11.78
N GLY A 206 -8.03 7.63 10.84
CA GLY A 206 -8.32 7.15 9.50
C GLY A 206 -7.86 5.70 9.44
N PRO A 207 -8.08 5.00 8.32
CA PRO A 207 -7.62 3.61 8.32
C PRO A 207 -6.14 3.36 8.08
N LYS A 208 -5.67 2.20 8.52
CA LYS A 208 -4.29 1.79 8.25
C LYS A 208 -4.26 1.48 6.73
N GLY A 209 -3.07 1.46 6.14
CA GLY A 209 -2.98 1.16 4.73
C GLY A 209 -3.21 2.35 3.81
N VAL A 210 -3.17 3.56 4.36
CA VAL A 210 -3.37 4.72 3.53
C VAL A 210 -2.39 5.84 3.86
N GLY A 211 -1.65 6.28 2.86
CA GLY A 211 -0.72 7.37 3.05
C GLY A 211 -1.14 8.52 2.15
N ILE A 212 -0.85 9.75 2.58
CA ILE A 212 -1.19 10.92 1.76
C ILE A 212 0.11 11.65 1.50
N THR A 213 0.29 12.00 0.24
CA THR A 213 1.49 12.69 -0.18
C THR A 213 1.16 13.98 -0.89
N TYR A 214 1.89 15.03 -0.49
CA TYR A 214 1.79 16.32 -1.11
C TYR A 214 3.03 16.49 -1.99
N ILE A 215 2.84 16.85 -3.25
CA ILE A 215 3.96 17.08 -4.15
C ILE A 215 3.67 18.41 -4.85
N ARG A 216 4.52 19.40 -4.59
CA ARG A 216 4.35 20.73 -5.17
C ARG A 216 4.35 20.62 -6.70
N LYS A 217 3.35 21.24 -7.32
CA LYS A 217 3.24 21.25 -8.79
C LYS A 217 4.58 21.64 -9.42
N GLY A 218 5.09 20.78 -10.29
CA GLY A 218 6.35 21.07 -10.97
C GLY A 218 7.64 20.53 -10.40
N VAL A 219 7.71 20.22 -9.11
CA VAL A 219 8.95 19.69 -8.53
C VAL A 219 9.24 18.28 -9.02
N PRO A 220 10.52 17.85 -8.93
CA PRO A 220 10.97 16.53 -9.36
C PRO A 220 10.26 15.38 -8.66
N ILE A 221 10.05 14.31 -9.42
CA ILE A 221 9.40 13.12 -8.92
C ILE A 221 9.33 12.10 -10.06
N ARG A 222 9.51 10.84 -9.70
CA ARG A 222 9.45 9.73 -10.64
C ARG A 222 8.61 8.66 -9.89
N PRO A 223 8.09 7.66 -10.60
CA PRO A 223 7.31 6.63 -9.91
C PRO A 223 8.18 5.71 -9.10
N LEU A 224 7.72 5.36 -7.90
CA LEU A 224 8.42 4.37 -7.11
C LEU A 224 7.72 3.07 -7.55
N ILE A 225 6.44 3.20 -7.90
CA ILE A 225 5.64 2.05 -8.32
C ILE A 225 5.13 2.25 -9.76
N HIS A 226 5.72 1.50 -10.68
CA HIS A 226 5.33 1.57 -12.10
C HIS A 226 4.21 0.58 -12.37
N GLY A 227 3.38 0.90 -13.37
CA GLY A 227 2.30 -0.02 -13.71
C GLY A 227 1.19 0.61 -14.55
N GLY A 228 -0.05 0.34 -14.14
CA GLY A 228 -1.23 0.83 -14.86
C GLY A 228 -1.48 2.31 -15.10
N GLY A 229 -0.70 3.20 -14.49
CA GLY A 229 -0.91 4.63 -14.73
C GLY A 229 -1.75 5.39 -13.70
N GLN A 230 -2.09 4.75 -12.60
CA GLN A 230 -2.88 5.40 -11.53
C GLN A 230 -2.07 6.53 -10.91
N GLU A 231 -2.78 7.46 -10.29
CA GLU A 231 -2.22 8.65 -9.64
C GLU A 231 -1.35 9.45 -10.59
N ARG A 232 -1.95 9.85 -11.71
CA ARG A 232 -1.28 10.66 -12.73
C ARG A 232 -0.03 9.97 -13.27
N GLY A 233 -0.06 8.65 -13.30
CA GLY A 233 1.08 7.88 -13.77
C GLY A 233 2.23 7.80 -12.79
N LEU A 234 2.07 8.44 -11.62
CA LEU A 234 3.12 8.46 -10.62
C LEU A 234 3.11 7.38 -9.53
N ARG A 235 2.00 6.67 -9.38
CA ARG A 235 1.93 5.61 -8.37
C ARG A 235 0.85 4.67 -8.83
N SER A 236 1.25 3.57 -9.46
CA SER A 236 0.32 2.58 -9.99
C SER A 236 -0.19 1.57 -8.97
N GLY A 237 -1.19 0.80 -9.38
CA GLY A 237 -1.80 -0.21 -8.53
C GLY A 237 -3.23 0.24 -8.36
N THR A 238 -4.17 -0.71 -8.22
CA THR A 238 -5.56 -0.32 -8.02
C THR A 238 -5.60 0.50 -6.73
N GLN A 239 -6.20 1.68 -6.80
CA GLN A 239 -6.28 2.55 -5.63
C GLN A 239 -7.19 1.95 -4.57
N ASN A 240 -6.78 2.13 -3.32
CA ASN A 240 -7.53 1.62 -2.17
C ASN A 240 -8.66 2.62 -1.94
N VAL A 241 -9.73 2.50 -2.72
CA VAL A 241 -10.85 3.43 -2.64
C VAL A 241 -11.50 3.58 -1.27
N PRO A 242 -11.83 2.45 -0.61
CA PRO A 242 -12.45 2.62 0.71
C PRO A 242 -11.51 3.37 1.64
N GLY A 243 -10.24 3.01 1.61
CA GLY A 243 -9.27 3.67 2.48
C GLY A 243 -9.09 5.14 2.17
N ILE A 244 -9.00 5.49 0.88
CA ILE A 244 -8.81 6.87 0.47
C ILE A 244 -9.98 7.74 0.92
N VAL A 245 -11.20 7.26 0.68
CA VAL A 245 -12.40 7.96 1.08
C VAL A 245 -12.42 8.13 2.61
N GLY A 246 -12.04 7.07 3.33
CA GLY A 246 -12.02 7.12 4.77
C GLY A 246 -10.99 8.09 5.29
N ALA A 247 -9.79 8.04 4.72
CA ALA A 247 -8.69 8.90 5.13
C ALA A 247 -8.99 10.36 4.94
N ALA A 248 -9.66 10.70 3.85
CA ALA A 248 -9.98 12.10 3.60
C ALA A 248 -11.03 12.58 4.60
N ARG A 249 -12.02 11.75 4.88
CA ARG A 249 -13.07 12.10 5.83
C ARG A 249 -12.46 12.26 7.23
N ALA A 250 -11.49 11.40 7.53
CA ALA A 250 -10.83 11.44 8.82
C ALA A 250 -10.02 12.73 8.92
N GLU A 252 -10.48 15.55 7.32
CA GLU A 252 -11.45 16.65 7.43
C GLU A 252 -11.95 16.78 8.87
N ILE A 253 -12.38 15.66 9.46
CA ILE A 253 -12.87 15.66 10.84
C ILE A 253 -11.79 16.12 11.82
N ALA A 254 -10.60 15.54 11.69
CA ALA A 254 -9.49 15.85 12.58
C ALA A 254 -9.21 17.35 12.68
N VAL A 255 -9.11 17.99 11.52
CA VAL A 255 -8.83 19.43 11.46
C VAL A 255 -10.01 20.28 11.92
N GLU A 256 -11.21 19.86 11.54
CA GLU A 256 -12.42 20.58 11.91
C GLU A 256 -12.59 20.64 13.44
N GLU A 257 -12.15 19.60 14.14
CA GLU A 257 -12.30 19.56 15.60
C GLU A 257 -10.99 19.77 16.36
N LEU A 258 -9.94 20.20 15.64
CA LEU A 258 -8.62 20.40 16.23
C LEU A 258 -8.61 21.31 17.46
N SER A 259 -9.27 22.45 17.33
CA SER A 259 -9.31 23.43 18.41
C SER A 259 -9.80 22.81 19.74
N GLU A 260 -10.98 22.20 19.73
CA GLU A 260 -11.54 21.59 20.93
C GLU A 260 -10.71 20.38 21.37
N ALA A 261 -10.33 19.53 20.41
CA ALA A 261 -9.54 18.33 20.70
C ALA A 261 -8.18 18.63 21.33
N ALA A 262 -7.44 19.58 20.74
CA ALA A 262 -6.12 19.95 21.26
C ALA A 262 -6.16 20.54 22.68
N LYS A 263 -7.21 21.31 22.97
CA LYS A 263 -7.36 21.89 24.30
C LYS A 263 -7.69 20.77 25.29
N HIS A 264 -8.58 19.88 24.86
CA HIS A 264 -8.99 18.76 25.67
C HIS A 264 -7.79 17.86 25.98
N GLU A 266 -4.54 18.65 25.87
CA GLU A 266 -3.56 19.39 26.67
C GLU A 266 -3.99 19.40 28.16
N LYS A 267 -5.28 19.59 28.41
CA LYS A 267 -5.82 19.57 29.77
C LYS A 267 -5.54 18.17 30.38
N LEU A 268 -5.79 17.10 29.61
CA LEU A 268 -5.52 15.75 30.09
C LEU A 268 -4.03 15.53 30.29
N ARG A 269 -3.22 16.05 29.39
CA ARG A 269 -1.78 15.86 29.52
C ARG A 269 -1.21 16.56 30.76
N SER A 270 -1.72 17.75 31.09
CA SER A 270 -1.19 18.48 32.25
C SER A 270 -1.53 17.74 33.54
N LYS A 271 -2.72 17.18 33.61
CA LYS A 271 -3.10 16.39 34.78
C LYS A 271 -2.18 15.15 34.89
N LEU A 272 -1.83 14.56 33.75
CA LEU A 272 -0.91 13.41 33.76
C LEU A 272 0.47 13.82 34.22
N VAL A 273 0.97 14.92 33.68
CA VAL A 273 2.31 15.43 33.99
C VAL A 273 2.49 15.71 35.48
N SER A 274 1.53 16.41 36.06
CA SER A 274 1.63 16.75 37.47
C SER A 274 1.55 15.48 38.31
N GLY A 275 0.60 14.60 37.96
CA GLY A 275 0.44 13.35 38.68
C GLY A 275 1.68 12.47 38.63
N LEU A 276 2.32 12.41 37.46
CA LEU A 276 3.51 11.59 37.26
C LEU A 276 4.74 12.20 37.94
N ASN A 278 4.69 13.97 40.61
CA ASN A 278 4.46 13.74 42.03
C ASN A 278 4.59 12.24 42.40
N LEU A 279 5.30 11.50 41.54
CA LEU A 279 5.55 10.07 41.73
C LEU A 279 7.03 9.79 41.42
N GLY A 280 7.78 10.84 41.11
CA GLY A 280 9.19 10.68 40.83
C GLY A 280 9.57 10.60 39.37
N ALA A 281 8.60 10.79 38.47
CA ALA A 281 8.88 10.69 37.04
C ALA A 281 9.62 11.85 36.42
N HIS A 282 10.66 11.54 35.64
CA HIS A 282 11.41 12.54 34.91
C HIS A 282 10.57 12.73 33.64
N ILE A 283 10.39 13.98 33.24
CA ILE A 283 9.62 14.27 32.03
C ILE A 283 10.65 14.55 30.93
N ILE A 284 10.68 13.69 29.92
CA ILE A 284 11.61 13.85 28.81
C ILE A 284 11.05 14.84 27.77
N THR A 285 9.74 14.88 27.64
CA THR A 285 9.06 15.76 26.69
C THR A 285 9.14 17.23 27.12
N PRO A 286 9.52 18.13 26.19
CA PRO A 286 9.60 19.56 26.52
C PRO A 286 8.17 20.08 26.44
N LEU A 287 7.56 20.35 27.58
CA LEU A 287 6.19 20.81 27.62
C LEU A 287 5.87 22.10 26.87
N GLU A 288 6.87 22.96 26.65
CA GLU A 288 6.66 24.23 26.00
C GLU A 288 6.61 24.20 24.47
N ILE A 289 7.20 23.17 23.86
CA ILE A 289 7.22 23.05 22.41
C ILE A 289 6.98 21.61 21.96
N SER A 290 5.82 21.07 22.32
CA SER A 290 5.51 19.69 21.98
C SER A 290 4.04 19.44 21.66
N LEU A 291 3.77 18.36 20.93
CA LEU A 291 2.39 17.98 20.60
C LEU A 291 1.61 17.92 21.94
N PRO A 292 0.39 18.47 21.98
CA PRO A 292 -0.42 18.46 23.20
C PRO A 292 -0.86 17.10 23.74
N ASN A 293 -0.69 16.05 22.95
CA ASN A 293 -1.13 14.72 23.36
C ASN A 293 0.00 13.80 23.79
N THR A 294 1.24 14.25 23.58
CA THR A 294 2.39 13.42 23.82
C THR A 294 3.15 13.68 25.09
N LEU A 295 3.53 12.59 25.76
CA LEU A 295 4.29 12.68 27.00
C LEU A 295 5.23 11.48 27.16
N SER A 296 6.52 11.74 27.07
CA SER A 296 7.54 10.74 27.26
C SER A 296 8.06 10.95 28.69
N VAL A 297 7.83 9.96 29.55
CA VAL A 297 8.25 10.00 30.95
C VAL A 297 9.13 8.80 31.30
N SER A 298 9.88 8.93 32.40
CA SER A 298 10.79 7.86 32.82
C SER A 298 10.94 7.81 34.34
N PHE A 299 10.75 6.62 34.92
CA PHE A 299 10.92 6.46 36.36
C PHE A 299 12.31 5.89 36.63
N PRO A 300 13.07 6.53 37.55
CA PRO A 300 14.42 6.10 37.91
C PRO A 300 14.41 4.65 38.41
N ASN A 301 15.34 3.85 37.91
CA ASN A 301 15.45 2.44 38.29
C ASN A 301 14.31 1.50 37.87
N ILE A 302 13.52 1.89 36.88
CA ILE A 302 12.44 1.03 36.38
C ILE A 302 12.43 1.00 34.86
N ARG A 303 12.70 -0.17 34.27
CA ARG A 303 12.72 -0.34 32.82
C ARG A 303 11.38 -0.03 32.18
N GLY A 304 11.44 0.71 31.07
CA GLY A 304 10.21 1.07 30.37
C GLY A 304 9.44 -0.16 29.93
N SER A 305 10.16 -1.17 29.46
CA SER A 305 9.52 -2.41 29.01
C SER A 305 8.76 -3.08 30.15
N THR A 306 9.37 -3.09 31.33
CA THR A 306 8.73 -3.69 32.49
C THR A 306 7.48 -2.90 32.85
N LEU A 307 7.61 -1.58 32.90
CA LEU A 307 6.49 -0.71 33.23
C LEU A 307 5.37 -0.90 32.19
N GLN A 308 5.75 -0.90 30.92
CA GLN A 308 4.80 -1.10 29.81
C GLN A 308 4.08 -2.45 29.98
N ASN A 309 4.85 -3.48 30.30
CA ASN A 309 4.29 -4.83 30.51
C ASN A 309 3.20 -4.84 31.58
N LEU A 310 3.50 -4.25 32.75
CA LEU A 310 2.53 -4.23 33.83
C LEU A 310 1.33 -3.37 33.49
N LEU A 311 1.57 -2.21 32.88
CA LEU A 311 0.47 -1.32 32.49
C LEU A 311 -0.46 -2.07 31.57
N SER A 312 0.12 -2.86 30.66
CA SER A 312 -0.68 -3.63 29.70
C SER A 312 -1.54 -4.65 30.44
N GLY A 313 -0.94 -5.31 31.44
CA GLY A 313 -1.71 -6.26 32.24
C GLY A 313 -2.91 -5.60 32.88
N TYR A 314 -2.78 -4.32 33.23
CA TYR A 314 -3.88 -3.55 33.83
C TYR A 314 -4.82 -2.92 32.81
N GLY A 315 -4.62 -3.25 31.53
CA GLY A 315 -5.49 -2.73 30.47
C GLY A 315 -5.11 -1.33 29.99
N ILE A 316 -3.87 -0.94 30.21
CA ILE A 316 -3.35 0.39 29.88
C ILE A 316 -2.24 0.19 28.87
N TYR A 317 -2.41 0.78 27.70
CA TYR A 317 -1.46 0.61 26.60
C TYR A 317 -0.65 1.84 26.27
N VAL A 318 0.67 1.70 26.42
CA VAL A 318 1.62 2.77 26.16
C VAL A 318 2.80 2.11 25.43
N SER A 319 3.69 2.91 24.87
CA SER A 319 4.84 2.31 24.17
C SER A 319 6.18 2.64 24.83
N THR A 320 7.23 1.92 24.41
CA THR A 320 8.59 2.14 24.93
C THR A 320 9.53 2.43 23.77
N HIS A 333 17.00 5.99 19.49
CA HIS A 333 17.85 6.88 18.68
C HIS A 333 17.44 8.35 18.83
N VAL A 334 16.18 8.60 19.17
CA VAL A 334 15.73 9.97 19.36
C VAL A 334 16.31 10.46 20.69
N LEU A 335 16.24 9.61 21.72
CA LEU A 335 16.75 9.95 23.04
C LEU A 335 18.26 10.10 23.04
N ASP A 336 18.92 9.29 22.20
CA ASP A 336 20.36 9.30 22.06
C ASP A 336 20.80 10.60 21.37
N ALA A 337 20.00 11.07 20.41
CA ALA A 337 20.32 12.29 19.70
C ALA A 337 20.11 13.52 20.57
N GLY A 339 20.75 13.58 23.72
CA GLY A 339 21.69 13.53 24.83
C GLY A 339 21.13 13.00 26.13
N VAL A 340 19.98 12.32 26.09
CA VAL A 340 19.38 11.78 27.31
C VAL A 340 20.24 10.65 27.86
N ASP A 341 20.41 10.63 29.19
CA ASP A 341 21.22 9.61 29.83
C ASP A 341 20.62 8.22 29.61
N ARG A 342 21.51 7.24 29.46
CA ARG A 342 21.18 5.84 29.24
C ARG A 342 20.12 5.32 30.18
N ARG A 343 20.35 5.51 31.48
CA ARG A 343 19.42 5.05 32.50
C ARG A 343 18.03 5.62 32.33
N ILE A 344 17.94 6.93 32.06
CA ILE A 344 16.64 7.59 31.87
C ILE A 344 15.95 7.06 30.60
N ALA A 345 16.74 6.84 29.56
CA ALA A 345 16.24 6.35 28.28
C ALA A 345 15.63 4.96 28.47
N GLN A 346 16.40 4.05 29.09
CA GLN A 346 15.97 2.67 29.36
C GLN A 346 14.66 2.64 30.16
N GLY A 347 14.37 3.73 30.86
CA GLY A 347 13.15 3.77 31.64
C GLY A 347 12.00 4.47 30.92
N ALA A 348 12.30 5.07 29.78
CA ALA A 348 11.29 5.82 29.04
C ALA A 348 10.09 5.08 28.46
N ILE A 349 8.90 5.61 28.72
CA ILE A 349 7.66 5.10 28.15
C ILE A 349 7.01 6.31 27.50
N ARG A 350 6.26 6.09 26.44
CA ARG A 350 5.60 7.18 25.76
C ARG A 350 4.08 7.07 25.90
N ILE A 351 3.46 8.14 26.43
CA ILE A 351 2.03 8.20 26.60
C ILE A 351 1.55 9.15 25.50
N SER A 352 0.59 8.69 24.70
CA SER A 352 0.07 9.51 23.62
C SER A 352 -1.45 9.42 23.58
N LEU A 353 -2.10 10.56 23.80
CA LEU A 353 -3.54 10.64 23.84
C LEU A 353 -4.17 10.94 22.50
N CYS A 354 -5.50 10.86 22.46
CA CYS A 354 -6.28 11.19 21.26
C CYS A 354 -7.47 11.97 21.82
N LYS A 355 -8.28 12.51 20.93
CA LYS A 355 -9.44 13.30 21.32
C LYS A 355 -10.46 12.53 22.14
N TYR A 356 -10.46 11.21 22.05
CA TYR A 356 -11.44 10.42 22.77
C TYR A 356 -11.04 9.96 24.16
N ASN A 357 -9.81 10.26 24.57
CA ASN A 357 -9.41 9.90 25.90
C ASN A 357 -10.18 10.79 26.90
N THR A 358 -10.36 10.29 28.11
CA THR A 358 -11.12 11.02 29.13
C THR A 358 -10.33 11.28 30.42
N GLU A 359 -10.90 12.12 31.28
CA GLU A 359 -10.29 12.43 32.55
C GLU A 359 -10.38 11.19 33.45
N GLU A 360 -11.48 10.45 33.29
CA GLU A 360 -11.70 9.22 34.04
C GLU A 360 -10.54 8.23 33.77
N GLU A 361 -10.11 8.16 32.50
CA GLU A 361 -9.01 7.29 32.11
C GLU A 361 -7.71 7.78 32.70
N VAL A 362 -7.51 9.09 32.75
CA VAL A 362 -6.28 9.66 33.33
C VAL A 362 -6.16 9.32 34.82
N ASP A 363 -7.27 9.43 35.54
CA ASP A 363 -7.29 9.12 36.98
C ASP A 363 -6.95 7.64 37.17
N TYR A 364 -7.65 6.79 36.42
CA TYR A 364 -7.42 5.35 36.46
C TYR A 364 -5.95 5.08 36.19
N PHE A 365 -5.40 5.72 35.16
CA PHE A 365 -3.99 5.55 34.83
C PHE A 365 -3.10 5.90 36.02
N LEU A 366 -3.33 7.07 36.61
CA LEU A 366 -2.52 7.50 37.75
C LEU A 366 -2.68 6.58 38.95
N LYS A 367 -3.91 6.19 39.25
CA LYS A 367 -4.16 5.30 40.38
C LYS A 367 -3.46 3.95 40.17
N LYS A 368 -3.62 3.34 39.00
CA LYS A 368 -3.01 2.05 38.72
C LYS A 368 -1.49 2.09 38.58
N ILE A 369 -0.94 3.18 38.04
CA ILE A 369 0.50 3.22 37.90
C ILE A 369 1.20 3.33 39.25
N GLU A 370 0.49 3.91 40.23
CA GLU A 370 1.04 4.06 41.56
C GLU A 370 1.04 2.66 42.19
N GLU A 371 -0.11 1.96 42.07
CA GLU A 371 -0.23 0.58 42.58
C GLU A 371 0.89 -0.27 41.98
N ILE A 372 1.13 -0.13 40.67
CA ILE A 372 2.19 -0.88 39.99
C ILE A 372 3.57 -0.56 40.54
N LEU A 373 3.82 0.72 40.79
CA LEU A 373 5.11 1.16 41.33
C LEU A 373 5.40 0.60 42.72
N SER A 374 4.35 0.24 43.46
CA SER A 374 4.52 -0.32 44.79
C SER A 374 4.94 -1.81 44.71
N PHE A 375 4.41 -2.52 43.70
CA PHE A 375 4.73 -3.93 43.50
C PHE A 375 6.11 -4.14 42.88
N LEU A 376 6.54 -3.20 42.04
CA LEU A 376 7.85 -3.31 41.39
C LEU A 376 8.96 -3.07 42.40
N ARG B 2 -28.97 -4.53 -11.69
CA ARG B 2 -27.55 -4.17 -11.71
C ARG B 2 -26.75 -5.45 -12.01
N VAL B 3 -25.98 -5.44 -13.10
CA VAL B 3 -25.23 -6.62 -13.49
C VAL B 3 -23.75 -6.31 -13.60
N TYR B 4 -23.02 -6.79 -12.61
CA TYR B 4 -21.59 -6.58 -12.55
C TYR B 4 -20.84 -7.76 -13.15
N PHE B 5 -20.37 -7.56 -14.38
CA PHE B 5 -19.64 -8.58 -15.12
C PHE B 5 -18.23 -8.07 -15.41
N ASP B 6 -17.60 -7.42 -14.44
CA ASP B 6 -16.24 -6.91 -14.60
C ASP B 6 -15.39 -7.31 -13.38
N ASN B 7 -15.59 -8.54 -12.93
CA ASN B 7 -14.86 -9.06 -11.77
C ASN B 7 -13.35 -9.23 -11.92
N ASN B 8 -12.84 -9.21 -13.15
CA ASN B 8 -11.40 -9.32 -13.34
C ASN B 8 -10.74 -7.97 -13.03
N ALA B 9 -11.53 -6.90 -12.99
CA ALA B 9 -10.99 -5.58 -12.69
C ALA B 9 -10.97 -5.40 -11.17
N THR B 10 -12.02 -5.89 -10.51
CA THR B 10 -12.13 -5.85 -9.06
C THR B 10 -13.41 -6.53 -8.69
N THR B 11 -13.51 -6.92 -7.43
CA THR B 11 -14.71 -7.63 -6.93
C THR B 11 -15.27 -6.98 -5.67
N ARG B 12 -16.50 -7.34 -5.35
CA ARG B 12 -17.17 -6.85 -4.16
C ARG B 12 -16.59 -7.70 -3.00
N VAL B 13 -16.32 -7.08 -1.87
CA VAL B 13 -15.78 -7.82 -0.73
C VAL B 13 -16.88 -8.75 -0.18
N ASP B 14 -16.50 -9.97 0.12
CA ASP B 14 -17.42 -10.97 0.65
C ASP B 14 -17.91 -10.48 2.04
N ASP B 15 -19.21 -10.59 2.30
CA ASP B 15 -19.78 -10.18 3.59
C ASP B 15 -19.06 -10.83 4.80
N ARG B 16 -18.61 -12.07 4.65
CA ARG B 16 -17.89 -12.78 5.72
C ARG B 16 -16.53 -12.12 5.94
N VAL B 17 -15.92 -11.65 4.86
CA VAL B 17 -14.62 -10.99 4.94
C VAL B 17 -14.77 -9.64 5.62
N LEU B 18 -15.78 -8.87 5.22
CA LEU B 18 -16.00 -7.55 5.77
C LEU B 18 -16.26 -7.58 7.28
N GLU B 19 -17.09 -8.54 7.70
CA GLU B 19 -17.42 -8.71 9.11
C GLU B 19 -16.13 -8.88 9.93
N GLU B 20 -15.25 -9.78 9.52
CA GLU B 20 -13.99 -9.97 10.22
C GLU B 20 -13.12 -8.71 10.19
N ILE B 22 -14.04 -5.52 10.16
CA ILE B 22 -14.57 -4.49 11.05
C ILE B 22 -14.05 -4.54 12.49
N VAL B 23 -13.81 -5.76 12.96
CA VAL B 23 -13.30 -6.02 14.29
C VAL B 23 -11.96 -5.33 14.48
N PHE B 24 -11.14 -5.39 13.44
CA PHE B 24 -9.85 -4.76 13.52
C PHE B 24 -9.87 -3.25 13.35
N TYR B 25 -10.96 -2.71 12.85
CA TYR B 25 -11.06 -1.25 12.71
C TYR B 25 -11.58 -0.68 14.04
N ARG B 26 -12.56 -1.38 14.61
CA ARG B 26 -13.26 -0.97 15.84
C ARG B 26 -12.71 -1.42 17.18
N GLU B 27 -12.24 -2.67 17.26
CA GLU B 27 -11.75 -3.21 18.54
C GLU B 27 -10.31 -3.57 18.65
N LYS B 28 -9.81 -4.39 17.72
CA LYS B 28 -8.43 -4.81 17.79
C LYS B 28 -7.61 -3.96 16.83
N TYR B 29 -7.62 -2.67 17.09
CA TYR B 29 -6.93 -1.71 16.21
C TYR B 29 -5.48 -1.44 16.58
N GLY B 30 -4.92 -2.25 17.46
CA GLY B 30 -3.55 -1.95 17.83
C GLY B 30 -2.53 -2.09 16.72
N ASN B 31 -1.37 -1.48 16.92
CA ASN B 31 -0.28 -1.56 15.97
C ASN B 31 0.36 -2.91 16.27
N PRO B 32 0.44 -3.78 15.24
CA PRO B 32 1.02 -5.13 15.36
C PRO B 32 2.49 -5.15 15.75
N ASN B 33 3.14 -4.00 15.71
CA ASN B 33 4.55 -3.94 16.11
C ASN B 33 4.71 -3.44 17.55
N SER B 34 3.61 -3.02 18.20
CA SER B 34 3.68 -2.54 19.58
C SER B 34 3.86 -3.74 20.54
N ALA B 35 4.68 -3.56 21.58
CA ALA B 35 4.91 -4.64 22.54
C ALA B 35 3.83 -4.81 23.62
N HIS B 36 2.84 -3.95 23.63
CA HIS B 36 1.76 -4.05 24.61
C HIS B 36 0.68 -5.05 24.17
N GLY B 37 -0.28 -5.29 25.05
CA GLY B 37 -1.36 -6.23 24.81
C GLY B 37 -2.18 -6.06 23.54
N GLY B 39 -1.14 -4.63 20.95
CA GLY B 39 -0.19 -4.79 19.87
C GLY B 39 0.08 -6.26 19.59
N ILE B 40 0.27 -7.01 20.65
CA ILE B 40 0.55 -8.45 20.55
C ILE B 40 -0.71 -9.13 20.00
N GLU B 41 -1.87 -8.62 20.37
CA GLU B 41 -3.13 -9.18 19.87
C GLU B 41 -3.25 -8.98 18.34
N ALA B 42 -2.94 -7.78 17.89
CA ALA B 42 -3.01 -7.46 16.45
C ALA B 42 -2.00 -8.33 15.72
N ASN B 43 -0.79 -8.41 16.26
CA ASN B 43 0.27 -9.22 15.66
C ASN B 43 -0.17 -10.69 15.52
N LEU B 44 -0.88 -11.19 16.52
CA LEU B 44 -1.36 -12.57 16.50
C LEU B 44 -2.25 -12.80 15.29
N HIS B 45 -3.27 -11.95 15.11
CA HIS B 45 -4.18 -12.10 13.99
C HIS B 45 -3.52 -11.91 12.61
N GLU B 47 -0.39 -12.68 12.01
CA GLU B 47 0.36 -13.91 11.79
C GLU B 47 -0.60 -15.06 11.45
N LYS B 48 -1.78 -15.08 12.06
CA LYS B 48 -2.75 -16.11 11.74
C LYS B 48 -3.16 -15.97 10.27
N ALA B 49 -3.26 -14.73 9.78
CA ALA B 49 -3.62 -14.50 8.38
C ALA B 49 -2.51 -15.05 7.48
N ARG B 50 -1.28 -14.70 7.82
CA ARG B 50 -0.13 -15.15 7.06
C ARG B 50 -0.10 -16.69 6.96
N GLU B 51 -0.39 -17.35 8.08
CA GLU B 51 -0.42 -18.80 8.13
C GLU B 51 -1.54 -19.40 7.32
N LYS B 52 -2.68 -18.70 7.31
CA LYS B 52 -3.84 -19.14 6.54
C LYS B 52 -3.52 -19.05 5.03
N VAL B 53 -2.86 -17.97 4.62
CA VAL B 53 -2.47 -17.79 3.21
C VAL B 53 -1.43 -18.85 2.84
N ALA B 54 -0.46 -19.06 3.73
CA ALA B 54 0.58 -20.05 3.46
C ALA B 54 -0.01 -21.45 3.32
N LYS B 55 -0.99 -21.76 4.15
CA LYS B 55 -1.63 -23.05 4.10
C LYS B 55 -2.36 -23.23 2.77
N VAL B 56 -3.13 -22.21 2.37
CA VAL B 56 -3.88 -22.29 1.12
C VAL B 56 -2.96 -22.51 -0.10
N LEU B 57 -1.85 -21.80 -0.12
CA LEU B 57 -0.86 -21.84 -1.18
C LEU B 57 0.12 -23.01 -1.12
N GLY B 58 0.15 -23.68 0.03
CA GLY B 58 1.03 -24.82 0.23
C GLY B 58 2.47 -24.45 0.49
N VAL B 59 2.73 -23.32 1.13
CA VAL B 59 4.09 -22.89 1.41
C VAL B 59 4.28 -22.60 2.90
N SER B 60 5.46 -22.14 3.26
CA SER B 60 5.74 -21.81 4.65
C SER B 60 5.34 -20.37 4.95
N PRO B 61 4.78 -20.14 6.15
CA PRO B 61 4.36 -18.82 6.59
C PRO B 61 5.47 -17.79 6.39
N SER B 62 6.71 -18.21 6.60
CA SER B 62 7.83 -17.29 6.42
C SER B 62 8.03 -16.82 4.97
N GLU B 63 7.37 -17.48 4.04
CA GLU B 63 7.50 -17.13 2.62
C GLU B 63 6.40 -16.20 2.10
N ILE B 64 5.46 -15.84 2.99
CA ILE B 64 4.34 -14.95 2.64
C ILE B 64 4.59 -13.52 3.16
N PHE B 65 4.52 -12.56 2.24
CA PHE B 65 4.70 -11.15 2.57
C PHE B 65 3.50 -10.33 2.12
N PHE B 66 3.11 -9.34 2.93
CA PHE B 66 1.96 -8.50 2.57
C PHE B 66 2.38 -7.14 2.02
N THR B 67 1.75 -6.71 0.94
CA THR B 67 2.06 -5.42 0.33
C THR B 67 0.74 -4.67 0.11
N SER B 68 0.79 -3.49 -0.50
CA SER B 68 -0.45 -2.74 -0.73
C SER B 68 -1.24 -3.20 -1.95
N CYS B 69 -0.59 -3.97 -2.83
CA CYS B 69 -1.23 -4.47 -4.05
C CYS B 69 -0.23 -5.33 -4.84
N ALA B 70 -0.76 -6.06 -5.81
CA ALA B 70 0.07 -6.92 -6.64
C ALA B 70 1.01 -6.05 -7.46
N THR B 71 0.59 -4.84 -7.83
CA THR B 71 1.49 -3.98 -8.59
C THR B 71 2.72 -3.66 -7.75
N GLU B 72 2.54 -3.43 -6.46
CA GLU B 72 3.69 -3.16 -5.58
C GLU B 72 4.55 -4.41 -5.49
N SER B 73 3.91 -5.56 -5.27
CA SER B 73 4.61 -6.85 -5.17
C SER B 73 5.48 -7.09 -6.39
N ILE B 74 4.93 -6.81 -7.56
CA ILE B 74 5.63 -6.98 -8.81
C ILE B 74 6.81 -6.01 -8.97
N ASN B 75 6.63 -4.74 -8.61
CA ASN B 75 7.70 -3.75 -8.70
C ASN B 75 8.82 -4.19 -7.78
N TRP B 76 8.43 -4.56 -6.57
CA TRP B 76 9.34 -5.01 -5.53
C TRP B 76 10.24 -6.15 -6.02
N ILE B 77 9.63 -7.24 -6.47
CA ILE B 77 10.36 -8.40 -6.93
C ILE B 77 11.25 -8.11 -8.12
N LEU B 78 10.65 -7.60 -9.20
CA LEU B 78 11.40 -7.31 -10.41
C LEU B 78 12.54 -6.33 -10.19
N LYS B 79 12.26 -5.22 -9.52
CA LYS B 79 13.30 -4.21 -9.29
C LYS B 79 14.38 -4.61 -8.28
N THR B 80 14.04 -5.29 -7.19
CA THR B 80 15.09 -5.61 -6.21
C THR B 80 15.90 -6.82 -6.63
N VAL B 81 15.27 -7.78 -7.29
CA VAL B 81 16.00 -8.94 -7.78
C VAL B 81 17.03 -8.44 -8.80
N ALA B 82 16.59 -7.55 -9.69
CA ALA B 82 17.46 -6.97 -10.70
C ALA B 82 18.63 -6.30 -9.99
N GLU B 83 18.31 -5.50 -8.98
CA GLU B 83 19.30 -4.77 -8.20
C GLU B 83 20.37 -5.71 -7.60
N THR B 84 19.98 -6.93 -7.20
CA THR B 84 20.94 -7.87 -6.63
C THR B 84 21.87 -8.42 -7.70
N PHE B 85 21.40 -8.42 -8.96
CA PHE B 85 22.17 -8.92 -10.08
C PHE B 85 22.91 -7.87 -10.88
N GLU B 86 22.89 -6.61 -10.42
CA GLU B 86 23.60 -5.56 -11.14
C GLU B 86 25.08 -5.89 -11.30
N LYS B 87 25.63 -5.54 -12.47
CA LYS B 87 27.03 -5.80 -12.80
C LYS B 87 27.31 -7.28 -13.08
N ARG B 88 26.51 -8.17 -12.48
CA ARG B 88 26.67 -9.61 -12.68
C ARG B 88 25.88 -10.10 -13.90
N LYS B 89 24.55 -10.16 -13.78
CA LYS B 89 23.67 -10.59 -14.86
C LYS B 89 22.90 -9.39 -15.41
N ARG B 90 22.30 -9.54 -16.58
CA ARG B 90 21.62 -8.40 -17.18
C ARG B 90 20.37 -8.73 -18.00
N THR B 91 20.12 -10.02 -18.19
CA THR B 91 18.99 -10.46 -18.99
C THR B 91 17.77 -10.95 -18.24
N ILE B 92 16.63 -10.37 -18.60
CA ILE B 92 15.34 -10.72 -18.00
C ILE B 92 14.40 -11.12 -19.13
N ILE B 93 13.63 -12.19 -18.92
CA ILE B 93 12.68 -12.66 -19.91
C ILE B 93 11.23 -12.65 -19.40
N THR B 94 10.32 -12.14 -20.23
CA THR B 94 8.90 -12.16 -19.88
C THR B 94 8.10 -12.29 -21.17
N THR B 95 6.81 -12.00 -21.14
CA THR B 95 5.99 -12.12 -22.34
C THR B 95 5.33 -10.81 -22.66
N PRO B 96 4.87 -10.63 -23.91
CA PRO B 96 4.21 -9.38 -24.29
C PRO B 96 2.76 -9.27 -23.81
N ILE B 97 2.21 -10.35 -23.24
CA ILE B 97 0.82 -10.29 -22.77
C ILE B 97 0.70 -10.05 -21.26
N GLU B 98 1.81 -9.70 -20.62
CA GLU B 98 1.80 -9.44 -19.18
C GLU B 98 1.05 -8.17 -18.81
N HIS B 99 0.62 -8.08 -17.56
CA HIS B 99 -0.10 -6.89 -17.09
C HIS B 99 0.89 -5.73 -17.09
N LYS B 100 0.37 -4.50 -17.22
CA LYS B 100 1.21 -3.31 -17.22
C LYS B 100 2.10 -3.19 -15.99
N ALA B 101 1.71 -3.83 -14.89
CA ALA B 101 2.51 -3.79 -13.67
C ALA B 101 3.86 -4.39 -14.01
N VAL B 102 3.85 -5.48 -14.76
CA VAL B 102 5.08 -6.14 -15.19
C VAL B 102 5.75 -5.41 -16.36
N LEU B 103 4.96 -5.07 -17.38
CA LEU B 103 5.51 -4.41 -18.57
C LEU B 103 6.12 -3.05 -18.32
N GLU B 104 5.46 -2.22 -17.53
CA GLU B 104 5.98 -0.90 -17.24
C GLU B 104 7.21 -0.95 -16.37
N THR B 105 7.32 -2.02 -15.59
CA THR B 105 8.49 -2.21 -14.74
C THR B 105 9.65 -2.67 -15.62
N LYS B 107 10.01 -2.00 -18.71
CA LYS B 107 10.33 -0.83 -19.51
C LYS B 107 11.29 0.03 -18.69
N TYR B 108 11.08 0.08 -17.37
CA TYR B 108 11.94 0.86 -16.48
C TYR B 108 13.30 0.19 -16.36
N LEU B 109 13.31 -1.12 -16.20
CA LEU B 109 14.55 -1.85 -16.08
C LEU B 109 15.37 -1.77 -17.38
N SER B 110 14.70 -1.62 -18.52
CA SER B 110 15.38 -1.49 -19.80
C SER B 110 16.15 -0.19 -19.80
N LYS B 112 17.33 1.37 -17.39
CA LYS B 112 18.43 1.28 -16.44
C LYS B 112 19.62 0.44 -16.93
N GLY B 113 19.47 -0.19 -18.09
CA GLY B 113 20.55 -0.98 -18.62
C GLY B 113 20.31 -2.47 -18.71
N PHE B 114 19.13 -2.93 -18.31
CA PHE B 114 18.86 -4.36 -18.41
C PHE B 114 18.38 -4.75 -19.80
N LYS B 115 18.57 -6.02 -20.13
CA LYS B 115 18.16 -6.53 -21.43
C LYS B 115 16.92 -7.37 -21.23
N VAL B 116 15.80 -6.85 -21.69
CA VAL B 116 14.53 -7.56 -21.56
C VAL B 116 14.12 -8.18 -22.87
N LYS B 117 13.97 -9.50 -22.87
CA LYS B 117 13.56 -10.25 -24.05
C LYS B 117 12.11 -10.71 -23.85
N TYR B 118 11.35 -10.67 -24.94
CA TYR B 118 9.94 -11.06 -24.91
C TYR B 118 9.60 -12.32 -25.71
N VAL B 119 9.17 -13.37 -25.00
CA VAL B 119 8.77 -14.64 -25.61
C VAL B 119 7.40 -14.42 -26.23
N PRO B 120 7.24 -14.65 -27.54
CA PRO B 120 5.92 -14.43 -28.12
C PRO B 120 4.89 -15.48 -27.72
N VAL B 121 3.63 -15.14 -27.94
CA VAL B 121 2.53 -16.04 -27.64
C VAL B 121 1.87 -16.44 -28.96
N ASP B 122 1.14 -17.55 -28.94
CA ASP B 122 0.44 -18.00 -30.13
C ASP B 122 -0.89 -17.25 -30.24
N SER B 123 -1.74 -17.65 -31.20
CA SER B 123 -3.03 -17.01 -31.43
C SER B 123 -4.06 -17.19 -30.33
N ARG B 124 -3.86 -18.19 -29.46
CA ARG B 124 -4.79 -18.43 -28.36
C ARG B 124 -4.26 -17.66 -27.12
N GLY B 125 -3.10 -17.03 -27.24
CA GLY B 125 -2.52 -16.29 -26.14
C GLY B 125 -1.62 -17.11 -25.22
N VAL B 126 -1.26 -18.31 -25.65
CA VAL B 126 -0.38 -19.20 -24.87
C VAL B 126 1.08 -18.96 -25.24
N VAL B 127 1.93 -18.78 -24.24
CA VAL B 127 3.38 -18.57 -24.47
C VAL B 127 3.96 -19.70 -25.38
N LYS B 128 4.81 -19.30 -26.32
CA LYS B 128 5.43 -20.26 -27.25
C LYS B 128 6.62 -20.92 -26.56
N LEU B 129 6.40 -22.13 -26.04
CA LEU B 129 7.43 -22.86 -25.30
C LEU B 129 8.75 -23.12 -26.03
N GLU B 130 8.70 -23.31 -27.34
CA GLU B 130 9.91 -23.54 -28.12
C GLU B 130 10.79 -22.29 -28.21
N GLU B 131 10.15 -21.12 -28.32
CA GLU B 131 10.87 -19.86 -28.42
C GLU B 131 11.43 -19.50 -27.04
N LEU B 132 10.75 -19.94 -25.98
CA LEU B 132 11.19 -19.69 -24.61
C LEU B 132 12.52 -20.40 -24.38
N GLU B 133 12.59 -21.66 -24.79
CA GLU B 133 13.79 -22.48 -24.64
C GLU B 133 15.00 -21.83 -25.30
N LYS B 134 14.80 -21.22 -26.47
CA LYS B 134 15.89 -20.55 -27.19
C LYS B 134 16.33 -19.25 -26.54
N LEU B 135 15.37 -18.45 -26.09
CA LEU B 135 15.66 -17.16 -25.47
C LEU B 135 16.40 -17.21 -24.14
N VAL B 136 16.16 -18.25 -23.35
CA VAL B 136 16.80 -18.39 -22.04
C VAL B 136 18.29 -18.70 -22.19
N ASP B 137 19.13 -17.77 -21.73
CA ASP B 137 20.58 -17.96 -21.80
C ASP B 137 21.28 -17.83 -20.43
N GLU B 138 22.60 -18.00 -20.44
CA GLU B 138 23.41 -17.95 -19.22
C GLU B 138 23.33 -16.59 -18.49
N ASP B 139 23.04 -15.53 -19.24
CA ASP B 139 22.93 -14.19 -18.66
C ASP B 139 21.51 -13.91 -18.15
N THR B 140 20.62 -14.89 -18.26
CA THR B 140 19.24 -14.76 -17.81
C THR B 140 19.11 -15.12 -16.34
N PHE B 141 18.86 -14.11 -15.51
CA PHE B 141 18.68 -14.33 -14.07
C PHE B 141 17.23 -14.44 -13.62
N LEU B 142 16.32 -13.85 -14.40
CA LEU B 142 14.90 -13.88 -14.04
C LEU B 142 13.95 -14.01 -15.22
N VAL B 143 12.95 -14.88 -15.04
CA VAL B 143 11.89 -15.10 -16.01
C VAL B 143 10.57 -14.79 -15.27
N SER B 144 9.77 -13.90 -15.83
CA SER B 144 8.49 -13.52 -15.24
C SER B 144 7.33 -13.91 -16.15
N ILE B 145 6.53 -14.87 -15.71
CA ILE B 145 5.37 -15.33 -16.48
C ILE B 145 4.07 -15.12 -15.66
N ALA B 147 0.22 -16.58 -14.55
CA ALA B 147 -0.47 -17.85 -14.48
C ALA B 147 -1.69 -17.90 -15.41
N ALA B 148 -2.32 -16.73 -15.62
CA ALA B 148 -3.48 -16.59 -16.50
C ALA B 148 -3.62 -15.14 -16.93
N ASN B 149 -3.98 -14.93 -18.18
CA ASN B 149 -4.14 -13.56 -18.68
C ASN B 149 -5.46 -12.94 -18.23
N ASN B 150 -5.38 -11.72 -17.69
CA ASN B 150 -6.53 -10.98 -17.18
C ASN B 150 -7.52 -10.50 -18.21
N GLU B 151 -7.04 -10.20 -19.42
CA GLU B 151 -7.92 -9.71 -20.48
C GLU B 151 -8.68 -10.78 -21.23
N VAL B 152 -8.00 -11.83 -21.66
CA VAL B 152 -8.69 -12.87 -22.42
C VAL B 152 -8.88 -14.15 -21.61
N GLY B 153 -8.18 -14.24 -20.49
CA GLY B 153 -8.32 -15.40 -19.62
C GLY B 153 -7.44 -16.60 -19.90
N THR B 154 -6.56 -16.50 -20.89
CA THR B 154 -5.71 -17.64 -21.24
C THR B 154 -4.77 -18.09 -20.13
N ILE B 155 -4.92 -19.36 -19.76
CA ILE B 155 -4.11 -20.00 -18.74
C ILE B 155 -2.77 -20.39 -19.35
N GLN B 156 -1.68 -20.04 -18.66
CA GLN B 156 -0.32 -20.34 -19.09
C GLN B 156 0.24 -21.62 -18.47
N PRO B 157 1.08 -22.36 -19.19
CA PRO B 157 1.68 -23.61 -18.69
C PRO B 157 2.90 -23.30 -17.82
N VAL B 158 2.62 -22.83 -16.61
CA VAL B 158 3.64 -22.46 -15.63
C VAL B 158 4.63 -23.58 -15.33
N GLU B 159 4.12 -24.80 -15.15
CA GLU B 159 4.94 -25.97 -14.87
C GLU B 159 5.94 -26.23 -16.00
N ASP B 160 5.46 -26.24 -17.24
CA ASP B 160 6.33 -26.45 -18.41
C ASP B 160 7.33 -25.33 -18.52
N VAL B 161 6.88 -24.09 -18.30
CA VAL B 161 7.77 -22.94 -18.36
C VAL B 161 8.89 -23.07 -17.32
N THR B 162 8.52 -23.50 -16.11
CA THR B 162 9.49 -23.66 -15.02
C THR B 162 10.50 -24.77 -15.36
N ARG B 163 9.98 -25.91 -15.81
CA ARG B 163 10.78 -27.08 -16.19
C ARG B 163 11.74 -26.74 -17.33
N ILE B 164 11.24 -26.03 -18.34
CA ILE B 164 12.05 -25.64 -19.49
C ILE B 164 13.11 -24.63 -19.10
N VAL B 165 12.75 -23.70 -18.22
CA VAL B 165 13.69 -22.68 -17.80
C VAL B 165 14.81 -23.28 -16.95
N LYS B 166 14.47 -24.22 -16.06
CA LYS B 166 15.47 -24.83 -15.20
C LYS B 166 16.45 -25.69 -15.97
N LYS B 167 15.95 -26.41 -16.98
CA LYS B 167 16.79 -27.27 -17.80
C LYS B 167 17.82 -26.46 -18.59
N LYS B 168 17.40 -25.31 -19.13
CA LYS B 168 18.30 -24.47 -19.91
C LYS B 168 19.27 -23.66 -19.04
N ASN B 169 18.86 -23.34 -17.82
CA ASN B 169 19.69 -22.59 -16.86
C ASN B 169 19.15 -22.82 -15.45
N LYS B 170 19.86 -23.65 -14.70
CA LYS B 170 19.48 -24.03 -13.33
C LYS B 170 19.39 -22.86 -12.33
N GLU B 171 20.11 -21.77 -12.61
CA GLU B 171 20.13 -20.62 -11.72
C GLU B 171 19.09 -19.54 -11.96
N THR B 172 18.42 -19.60 -13.10
CA THR B 172 17.40 -18.61 -13.45
C THR B 172 16.19 -18.69 -12.51
N LEU B 173 15.81 -17.53 -12.00
CA LEU B 173 14.67 -17.41 -11.09
C LEU B 173 13.39 -17.19 -11.88
N VAL B 174 12.29 -17.71 -11.35
CA VAL B 174 10.98 -17.59 -11.96
C VAL B 174 9.95 -16.87 -11.08
N HIS B 175 9.35 -15.81 -11.64
CA HIS B 175 8.29 -15.07 -10.95
C HIS B 175 7.00 -15.33 -11.70
N VAL B 176 5.94 -15.65 -10.96
CA VAL B 176 4.65 -15.88 -11.55
C VAL B 176 3.60 -14.81 -11.09
N ASP B 177 3.08 -14.03 -12.03
CA ASP B 177 2.02 -13.08 -11.69
C ASP B 177 0.80 -14.01 -11.61
N ALA B 178 0.42 -14.36 -10.38
CA ALA B 178 -0.69 -15.28 -10.14
C ALA B 178 -1.98 -14.58 -9.72
N VAL B 179 -2.12 -13.32 -10.06
CA VAL B 179 -3.29 -12.54 -9.67
C VAL B 179 -4.66 -13.10 -10.05
N GLN B 180 -4.77 -13.65 -11.26
CA GLN B 180 -6.09 -14.15 -11.69
C GLN B 180 -6.40 -15.60 -11.38
N THR B 181 -5.59 -16.23 -10.56
CA THR B 181 -5.81 -17.63 -10.22
C THR B 181 -6.81 -17.89 -9.11
N ILE B 182 -6.54 -17.32 -7.94
CA ILE B 182 -7.36 -17.54 -6.76
C ILE B 182 -8.87 -17.49 -6.97
N GLY B 183 -9.52 -18.61 -6.70
CA GLY B 183 -10.97 -18.69 -6.87
C GLY B 183 -11.48 -18.94 -8.29
N LYS B 184 -10.57 -19.14 -9.24
CA LYS B 184 -10.97 -19.38 -10.64
C LYS B 184 -10.41 -20.70 -11.13
N ILE B 185 -9.13 -20.94 -10.90
CA ILE B 185 -8.50 -22.22 -11.27
C ILE B 185 -7.65 -22.65 -10.08
N PRO B 186 -7.35 -23.96 -9.96
CA PRO B 186 -6.51 -24.36 -8.83
C PRO B 186 -5.10 -23.82 -8.93
N PHE B 187 -4.54 -23.38 -7.81
CA PHE B 187 -3.20 -22.84 -7.83
C PHE B 187 -2.45 -23.06 -6.53
N SER B 188 -1.44 -23.92 -6.57
CA SER B 188 -0.63 -24.22 -5.41
C SER B 188 0.82 -24.04 -5.80
N LEU B 189 1.60 -23.45 -4.91
CA LEU B 189 2.99 -23.23 -5.17
C LEU B 189 3.83 -24.35 -4.56
N GLU B 190 3.18 -25.27 -3.86
CA GLU B 190 3.86 -26.36 -3.17
C GLU B 190 4.88 -27.13 -4.01
N LYS B 191 4.45 -27.60 -5.18
CA LYS B 191 5.35 -28.36 -6.03
C LYS B 191 5.62 -27.67 -7.36
N LEU B 192 5.33 -26.38 -7.43
CA LEU B 192 5.50 -25.60 -8.67
C LEU B 192 6.93 -25.21 -9.00
N GLU B 193 7.76 -25.15 -7.96
CA GLU B 193 9.16 -24.77 -8.14
C GLU B 193 9.42 -23.39 -8.70
N VAL B 194 8.66 -22.40 -8.23
CA VAL B 194 8.90 -21.03 -8.68
C VAL B 194 9.51 -20.31 -7.49
N ASP B 195 10.10 -19.15 -7.74
CA ASP B 195 10.77 -18.40 -6.71
C ASP B 195 10.00 -17.21 -6.13
N TYR B 196 9.12 -16.62 -6.94
CA TYR B 196 8.33 -15.47 -6.50
C TYR B 196 6.95 -15.58 -7.12
N ALA B 197 5.95 -15.00 -6.44
CA ALA B 197 4.58 -15.02 -6.95
C ALA B 197 3.80 -13.85 -6.37
N SER B 198 2.96 -13.24 -7.21
CA SER B 198 2.18 -12.06 -6.83
C SER B 198 0.67 -12.32 -6.89
N PHE B 199 -0.05 -11.76 -5.92
CA PHE B 199 -1.49 -11.92 -5.83
C PHE B 199 -2.12 -10.60 -5.40
N SER B 200 -3.39 -10.41 -5.75
CA SER B 200 -4.12 -9.20 -5.38
C SER B 200 -5.44 -9.63 -4.79
N ALA B 201 -5.65 -9.29 -3.52
CA ALA B 201 -6.85 -9.69 -2.79
C ALA B 201 -8.17 -9.21 -3.38
N HIS B 202 -8.19 -8.01 -3.97
CA HIS B 202 -9.47 -7.51 -4.51
C HIS B 202 -9.94 -8.21 -5.76
N LYS B 203 -9.15 -9.16 -6.25
CA LYS B 203 -9.56 -9.95 -7.42
C LYS B 203 -10.29 -11.21 -6.94
N PHE B 204 -10.27 -11.48 -5.63
CA PHE B 204 -10.97 -12.66 -5.10
C PHE B 204 -11.87 -12.36 -3.91
N HIS B 205 -12.58 -11.23 -4.00
CA HIS B 205 -13.52 -10.79 -2.96
C HIS B 205 -12.88 -10.34 -1.68
N GLY B 206 -11.57 -10.08 -1.77
CA GLY B 206 -10.82 -9.54 -0.67
C GLY B 206 -10.87 -8.01 -0.82
N PRO B 207 -10.28 -7.27 0.11
CA PRO B 207 -10.34 -5.80 -0.02
C PRO B 207 -9.24 -5.23 -0.90
N LYS B 208 -9.48 -4.04 -1.43
CA LYS B 208 -8.44 -3.34 -2.21
C LYS B 208 -7.38 -2.89 -1.19
N GLY B 209 -6.20 -2.51 -1.65
CA GLY B 209 -5.18 -2.09 -0.71
C GLY B 209 -4.33 -3.22 -0.13
N VAL B 210 -4.53 -4.45 -0.60
CA VAL B 210 -3.74 -5.56 -0.10
C VAL B 210 -3.20 -6.47 -1.19
N GLY B 211 -1.89 -6.64 -1.20
CA GLY B 211 -1.28 -7.55 -2.13
C GLY B 211 -0.60 -8.65 -1.33
N ILE B 212 -0.41 -9.81 -1.95
CA ILE B 212 0.24 -10.94 -1.30
C ILE B 212 1.41 -11.42 -2.15
N THR B 213 2.56 -11.59 -1.50
CA THR B 213 3.78 -11.98 -2.16
C THR B 213 4.36 -13.25 -1.59
N TYR B 214 4.74 -14.15 -2.48
CA TYR B 214 5.41 -15.39 -2.12
C TYR B 214 6.86 -15.22 -2.53
N ILE B 215 7.75 -15.45 -1.58
CA ILE B 215 9.18 -15.36 -1.85
C ILE B 215 9.77 -16.64 -1.26
N ARG B 216 10.23 -17.54 -2.13
CA ARG B 216 10.85 -18.79 -1.71
C ARG B 216 12.02 -18.53 -0.76
N LYS B 217 12.12 -19.36 0.27
CA LYS B 217 13.19 -19.23 1.26
C LYS B 217 14.57 -19.22 0.62
N GLY B 218 15.35 -18.21 0.98
CA GLY B 218 16.72 -18.09 0.47
C GLY B 218 16.98 -17.37 -0.84
N VAL B 219 15.94 -17.13 -1.65
CA VAL B 219 16.14 -16.46 -2.93
C VAL B 219 16.44 -14.98 -2.78
N PRO B 220 17.02 -14.35 -3.82
CA PRO B 220 17.36 -12.92 -3.80
C PRO B 220 16.17 -12.01 -3.58
N ILE B 221 16.40 -10.93 -2.84
CA ILE B 221 15.37 -9.95 -2.54
C ILE B 221 15.95 -8.86 -1.66
N ARG B 222 15.48 -7.64 -1.87
CA ARG B 222 15.90 -6.50 -1.09
C ARG B 222 14.64 -5.70 -0.86
N PRO B 223 14.66 -4.75 0.08
CA PRO B 223 13.47 -3.94 0.33
C PRO B 223 13.20 -2.93 -0.76
N LEU B 224 11.95 -2.79 -1.14
CA LEU B 224 11.57 -1.74 -2.08
C LEU B 224 11.19 -0.57 -1.16
N ILE B 225 10.65 -0.90 0.03
CA ILE B 225 10.22 0.09 1.03
C ILE B 225 11.05 -0.09 2.31
N HIS B 226 11.93 0.86 2.59
CA HIS B 226 12.78 0.84 3.78
C HIS B 226 12.11 1.58 4.94
N GLY B 227 12.44 1.18 6.17
CA GLY B 227 11.84 1.84 7.32
C GLY B 227 11.86 1.07 8.61
N GLY B 228 10.74 1.10 9.31
CA GLY B 228 10.59 0.45 10.61
C GLY B 228 10.94 -1.01 10.78
N GLY B 229 11.10 -1.75 9.68
CA GLY B 229 11.46 -3.14 9.81
C GLY B 229 10.34 -4.16 9.74
N GLN B 230 9.16 -3.74 9.33
CA GLN B 230 8.04 -4.66 9.19
C GLN B 230 8.29 -5.71 8.09
N GLU B 231 7.56 -6.80 8.15
CA GLU B 231 7.66 -7.90 7.19
C GLU B 231 9.08 -8.42 7.07
N ARG B 232 9.63 -8.82 8.22
CA ARG B 232 10.98 -9.37 8.32
C ARG B 232 12.01 -8.42 7.75
N GLY B 233 11.76 -7.12 7.89
CA GLY B 233 12.66 -6.10 7.41
C GLY B 233 12.63 -5.88 5.90
N LEU B 234 11.76 -6.59 5.19
CA LEU B 234 11.73 -6.46 3.74
C LEU B 234 10.67 -5.52 3.14
N ARG B 235 9.68 -5.12 3.93
CA ARG B 235 8.65 -4.20 3.44
C ARG B 235 8.12 -3.47 4.68
N SER B 236 8.65 -2.27 4.89
CA SER B 236 8.28 -1.44 6.03
C SER B 236 7.01 -0.65 5.87
N GLY B 237 6.61 -0.02 6.97
CA GLY B 237 5.38 0.73 7.00
C GLY B 237 4.39 -0.07 7.82
N THR B 238 3.50 0.61 8.54
CA THR B 238 2.52 -0.09 9.37
C THR B 238 1.63 -0.99 8.51
N GLN B 239 1.55 -2.26 8.90
CA GLN B 239 0.78 -3.27 8.19
C GLN B 239 -0.71 -2.98 8.22
N ASN B 240 -1.35 -3.18 7.08
CA ASN B 240 -2.79 -2.97 6.95
C ASN B 240 -3.49 -4.17 7.59
N VAL B 241 -3.46 -4.26 8.92
CA VAL B 241 -4.05 -5.39 9.63
C VAL B 241 -5.46 -5.78 9.23
N PRO B 242 -6.40 -4.83 9.20
CA PRO B 242 -7.76 -5.22 8.81
C PRO B 242 -7.74 -5.83 7.41
N GLY B 243 -6.98 -5.20 6.51
CA GLY B 243 -6.88 -5.69 5.13
C GLY B 243 -6.26 -7.07 5.05
N ILE B 244 -5.15 -7.26 5.75
CA ILE B 244 -4.47 -8.55 5.78
C ILE B 244 -5.42 -9.64 6.29
N VAL B 245 -6.17 -9.36 7.35
CA VAL B 245 -7.09 -10.37 7.88
C VAL B 245 -8.20 -10.68 6.89
N GLY B 246 -8.74 -9.65 6.25
CA GLY B 246 -9.78 -9.88 5.28
C GLY B 246 -9.28 -10.67 4.08
N ALA B 247 -8.12 -10.28 3.59
CA ALA B 247 -7.52 -10.92 2.42
C ALA B 247 -7.30 -12.41 2.62
N ALA B 248 -6.77 -12.78 3.79
CA ALA B 248 -6.51 -14.18 4.12
C ALA B 248 -7.82 -14.94 4.17
N ARG B 249 -8.82 -14.37 4.85
CA ARG B 249 -10.11 -15.02 4.92
C ARG B 249 -10.68 -15.18 3.51
N ALA B 250 -10.52 -14.13 2.70
CA ALA B 250 -11.05 -14.16 1.34
C ALA B 250 -10.40 -15.27 0.52
N GLU B 252 -8.92 -18.05 1.56
CA GLU B 252 -9.37 -19.33 2.07
C GLU B 252 -10.76 -19.69 1.56
N ILE B 253 -11.68 -18.74 1.60
CA ILE B 253 -13.03 -18.97 1.13
C ILE B 253 -13.05 -19.23 -0.38
N ALA B 254 -12.30 -18.41 -1.12
CA ALA B 254 -12.23 -18.57 -2.56
C ALA B 254 -11.75 -19.97 -2.96
N VAL B 255 -10.66 -20.44 -2.34
CA VAL B 255 -10.14 -21.76 -2.66
C VAL B 255 -11.04 -22.90 -2.19
N GLU B 256 -11.73 -22.68 -1.09
CA GLU B 256 -12.62 -23.67 -0.50
C GLU B 256 -13.85 -23.89 -1.37
N GLU B 257 -14.28 -22.83 -2.03
CA GLU B 257 -15.47 -22.92 -2.85
C GLU B 257 -15.15 -22.98 -4.35
N LEU B 258 -13.86 -23.12 -4.66
CA LEU B 258 -13.38 -23.17 -6.05
C LEU B 258 -14.10 -24.14 -6.97
N SER B 259 -14.12 -25.41 -6.59
CA SER B 259 -14.74 -26.46 -7.38
C SER B 259 -16.17 -26.12 -7.78
N GLU B 260 -17.00 -25.75 -6.83
CA GLU B 260 -18.39 -25.42 -7.12
C GLU B 260 -18.51 -24.09 -7.90
N ALA B 261 -17.73 -23.10 -7.51
CA ALA B 261 -17.73 -21.78 -8.15
C ALA B 261 -17.32 -21.87 -9.62
N ALA B 262 -16.29 -22.67 -9.90
CA ALA B 262 -15.78 -22.83 -11.25
C ALA B 262 -16.77 -23.51 -12.19
N LYS B 263 -17.46 -24.54 -11.69
CA LYS B 263 -18.46 -25.26 -12.48
C LYS B 263 -19.57 -24.30 -12.84
N HIS B 264 -20.02 -23.53 -11.85
CA HIS B 264 -21.09 -22.57 -12.04
C HIS B 264 -20.72 -21.46 -13.05
N GLU B 266 -18.34 -21.57 -15.37
CA GLU B 266 -18.14 -22.22 -16.65
C GLU B 266 -19.50 -22.39 -17.34
N LYS B 267 -20.51 -22.75 -16.57
CA LYS B 267 -21.87 -22.96 -17.07
C LYS B 267 -22.51 -21.64 -17.54
N LEU B 268 -22.35 -20.57 -16.75
CA LEU B 268 -22.90 -19.28 -17.14
C LEU B 268 -22.12 -18.78 -18.37
N ARG B 269 -20.83 -19.07 -18.43
CA ARG B 269 -20.02 -18.64 -19.57
C ARG B 269 -20.48 -19.31 -20.87
N SER B 270 -20.81 -20.60 -20.82
CA SER B 270 -21.24 -21.29 -22.03
C SER B 270 -22.56 -20.70 -22.53
N LYS B 271 -23.45 -20.33 -21.61
CA LYS B 271 -24.70 -19.70 -22.01
C LYS B 271 -24.38 -18.36 -22.70
N LEU B 272 -23.40 -17.61 -22.17
CA LEU B 272 -23.02 -16.35 -22.78
C LEU B 272 -22.38 -16.55 -24.16
N VAL B 273 -21.48 -17.51 -24.26
CA VAL B 273 -20.80 -17.79 -25.53
C VAL B 273 -21.79 -18.04 -26.67
N SER B 274 -22.71 -18.99 -26.48
CA SER B 274 -23.68 -19.31 -27.51
C SER B 274 -24.62 -18.16 -27.80
N GLY B 275 -25.14 -17.54 -26.73
CA GLY B 275 -26.05 -16.42 -26.92
C GLY B 275 -25.39 -15.24 -27.64
N LEU B 276 -24.12 -15.00 -27.40
CA LEU B 276 -23.44 -13.89 -28.05
C LEU B 276 -23.07 -14.19 -29.50
N ASN B 278 -24.63 -16.02 -31.45
CA ASN B 278 -25.90 -15.96 -32.18
C ASN B 278 -26.30 -14.53 -32.50
N LEU B 279 -25.71 -13.58 -31.80
CA LEU B 279 -25.99 -12.17 -32.02
C LEU B 279 -24.92 -11.55 -32.92
N GLY B 280 -23.95 -12.36 -33.36
CA GLY B 280 -22.91 -11.85 -34.23
C GLY B 280 -21.55 -11.68 -33.58
N ALA B 281 -21.38 -12.13 -32.34
CA ALA B 281 -20.10 -11.95 -31.66
C ALA B 281 -19.01 -12.91 -32.08
N HIS B 282 -17.78 -12.40 -32.09
CA HIS B 282 -16.59 -13.19 -32.33
C HIS B 282 -16.06 -13.46 -30.92
N ILE B 283 -15.67 -14.70 -30.64
CA ILE B 283 -15.15 -15.05 -29.33
C ILE B 283 -13.64 -15.05 -29.40
N ILE B 284 -13.02 -14.20 -28.59
CA ILE B 284 -11.55 -14.08 -28.57
C ILE B 284 -10.91 -15.09 -27.59
N THR B 285 -11.57 -15.27 -26.44
CA THR B 285 -11.11 -16.20 -25.40
C THR B 285 -11.08 -17.67 -25.83
N PRO B 286 -9.94 -18.36 -25.64
CA PRO B 286 -9.89 -19.78 -26.02
C PRO B 286 -10.52 -20.59 -24.85
N LEU B 287 -11.78 -20.96 -25.02
CA LEU B 287 -12.53 -21.66 -23.99
C LEU B 287 -11.92 -22.89 -23.32
N GLU B 288 -11.07 -23.62 -24.04
CA GLU B 288 -10.46 -24.84 -23.53
C GLU B 288 -9.28 -24.65 -22.60
N ILE B 289 -8.66 -23.47 -22.64
CA ILE B 289 -7.49 -23.19 -21.81
C ILE B 289 -7.55 -21.77 -21.21
N SER B 290 -8.68 -21.48 -20.58
CA SER B 290 -8.91 -20.16 -19.98
C SER B 290 -9.68 -20.19 -18.66
N LEU B 291 -9.50 -19.13 -17.88
CA LEU B 291 -10.19 -18.94 -16.61
C LEU B 291 -11.66 -19.12 -16.95
N PRO B 292 -12.40 -19.94 -16.19
CA PRO B 292 -13.83 -20.18 -16.46
C PRO B 292 -14.82 -19.04 -16.32
N ASN B 293 -14.40 -17.96 -15.69
CA ASN B 293 -15.27 -16.81 -15.48
C ASN B 293 -15.03 -15.75 -16.57
N THR B 294 -13.96 -15.90 -17.35
CA THR B 294 -13.59 -14.89 -18.33
C THR B 294 -14.00 -15.11 -19.79
N LEU B 295 -14.59 -14.08 -20.39
CA LEU B 295 -15.04 -14.16 -21.77
C LEU B 295 -14.84 -12.83 -22.51
N SER B 296 -13.83 -12.83 -23.35
CA SER B 296 -13.50 -11.68 -24.17
C SER B 296 -14.17 -11.91 -25.53
N VAL B 297 -15.07 -11.01 -25.90
CA VAL B 297 -15.78 -11.11 -27.16
C VAL B 297 -15.69 -9.79 -27.94
N SER B 298 -16.14 -9.81 -29.19
CA SER B 298 -16.11 -8.63 -30.03
C SER B 298 -17.20 -8.61 -31.09
N PHE B 299 -17.78 -7.43 -31.29
CA PHE B 299 -18.80 -7.21 -32.32
C PHE B 299 -18.03 -6.21 -33.18
N PRO B 300 -17.24 -6.71 -34.15
CA PRO B 300 -16.41 -5.91 -35.06
C PRO B 300 -17.04 -4.66 -35.70
N ASN B 301 -18.36 -4.64 -35.81
CA ASN B 301 -19.04 -3.47 -36.37
C ASN B 301 -19.30 -2.35 -35.35
N ILE B 302 -18.88 -2.53 -34.11
CA ILE B 302 -19.12 -1.54 -33.06
C ILE B 302 -17.91 -1.34 -32.15
N ARG B 303 -17.63 -0.10 -31.79
CA ARG B 303 -16.51 0.18 -30.90
C ARG B 303 -16.86 -0.39 -29.51
N GLY B 304 -15.86 -1.04 -28.90
CA GLY B 304 -16.03 -1.63 -27.59
C GLY B 304 -16.51 -0.63 -26.57
N SER B 305 -15.92 0.55 -26.59
CA SER B 305 -16.30 1.62 -25.67
C SER B 305 -17.74 2.06 -25.89
N THR B 306 -18.19 2.07 -27.13
CA THR B 306 -19.58 2.46 -27.38
C THR B 306 -20.52 1.42 -26.77
N LEU B 307 -20.18 0.15 -26.96
CA LEU B 307 -20.96 -0.97 -26.44
C LEU B 307 -20.92 -0.91 -24.90
N GLN B 308 -19.72 -0.71 -24.37
CA GLN B 308 -19.54 -0.60 -22.93
C GLN B 308 -20.42 0.50 -22.33
N ASN B 309 -20.45 1.66 -22.99
CA ASN B 309 -21.24 2.81 -22.51
C ASN B 309 -22.72 2.52 -22.48
N LEU B 310 -23.23 1.92 -23.56
CA LEU B 310 -24.64 1.60 -23.66
C LEU B 310 -25.04 0.56 -22.62
N LEU B 311 -24.20 -0.47 -22.45
CA LEU B 311 -24.48 -1.50 -21.45
C LEU B 311 -24.53 -0.88 -20.07
N SER B 312 -23.57 0.00 -19.77
CA SER B 312 -23.52 0.66 -18.47
C SER B 312 -24.81 1.46 -18.25
N GLY B 313 -25.31 2.10 -19.31
CA GLY B 313 -26.56 2.85 -19.20
C GLY B 313 -27.72 1.95 -18.82
N TYR B 314 -27.61 0.66 -19.11
CA TYR B 314 -28.66 -0.33 -18.78
C TYR B 314 -28.36 -1.07 -17.47
N GLY B 315 -27.33 -0.60 -16.75
CA GLY B 315 -26.95 -1.19 -15.48
C GLY B 315 -26.08 -2.42 -15.58
N ILE B 316 -25.39 -2.56 -16.71
CA ILE B 316 -24.52 -3.70 -16.96
C ILE B 316 -23.10 -3.20 -17.12
N TYR B 317 -22.20 -3.76 -16.31
CA TYR B 317 -20.81 -3.34 -16.29
C TYR B 317 -19.80 -4.35 -16.84
N VAL B 318 -19.16 -4.00 -17.96
CA VAL B 318 -18.15 -4.86 -18.57
C VAL B 318 -16.95 -3.96 -18.86
N SER B 319 -15.80 -4.54 -19.22
CA SER B 319 -14.64 -3.69 -19.51
C SER B 319 -14.25 -3.71 -21.00
N THR B 320 -13.35 -2.81 -21.37
CA THR B 320 -12.80 -2.69 -22.75
C THR B 320 -11.30 -2.42 -22.70
N ARG B 332 -5.79 -5.40 -25.74
CA ARG B 332 -5.20 -4.21 -26.38
C ARG B 332 -3.77 -4.59 -26.76
N HIS B 333 -2.81 -4.40 -25.85
CA HIS B 333 -1.45 -4.85 -26.12
C HIS B 333 -1.47 -6.38 -26.14
N VAL B 334 -2.45 -6.98 -25.43
CA VAL B 334 -2.60 -8.43 -25.39
C VAL B 334 -3.14 -8.97 -26.73
N LEU B 335 -4.22 -8.37 -27.21
CA LEU B 335 -4.84 -8.79 -28.46
C LEU B 335 -3.85 -8.60 -29.60
N ASP B 336 -3.07 -7.54 -29.52
CA ASP B 336 -2.08 -7.25 -30.54
C ASP B 336 -1.01 -8.35 -30.58
N ALA B 337 -0.54 -8.76 -29.42
CA ALA B 337 0.48 -9.79 -29.32
C ALA B 337 -0.09 -11.13 -29.78
N GLY B 339 -2.07 -11.45 -32.32
CA GLY B 339 -2.30 -11.38 -33.75
C GLY B 339 -3.75 -11.12 -34.08
N VAL B 340 -4.52 -10.67 -33.09
CA VAL B 340 -5.94 -10.39 -33.30
C VAL B 340 -6.11 -9.20 -34.24
N ASP B 341 -7.04 -9.33 -35.18
CA ASP B 341 -7.28 -8.27 -36.13
C ASP B 341 -7.67 -6.98 -35.43
N ARG B 342 -7.13 -5.86 -35.92
CA ARG B 342 -7.44 -4.55 -35.38
C ARG B 342 -8.96 -4.28 -35.29
N ARG B 343 -9.71 -4.73 -36.27
CA ARG B 343 -11.16 -4.50 -36.24
C ARG B 343 -11.82 -5.28 -35.08
N ILE B 344 -11.30 -6.46 -34.76
CA ILE B 344 -11.85 -7.28 -33.68
C ILE B 344 -11.47 -6.62 -32.34
N ALA B 345 -10.22 -6.19 -32.26
CA ALA B 345 -9.68 -5.53 -31.09
C ALA B 345 -10.45 -4.26 -30.78
N GLN B 346 -10.88 -3.54 -31.83
CA GLN B 346 -11.61 -2.29 -31.65
C GLN B 346 -12.99 -2.48 -31.04
N GLY B 347 -13.63 -3.61 -31.32
CA GLY B 347 -14.94 -3.83 -30.73
C GLY B 347 -14.94 -4.79 -29.54
N ALA B 348 -13.76 -5.09 -29.01
CA ALA B 348 -13.60 -6.04 -27.92
C ALA B 348 -14.04 -5.57 -26.54
N ILE B 349 -14.83 -6.39 -25.87
CA ILE B 349 -15.25 -6.13 -24.50
C ILE B 349 -14.92 -7.39 -23.70
N ARG B 350 -14.65 -7.22 -22.40
CA ARG B 350 -14.36 -8.35 -21.55
C ARG B 350 -15.49 -8.56 -20.54
N ILE B 351 -16.06 -9.76 -20.51
CA ILE B 351 -17.10 -10.10 -19.55
C ILE B 351 -16.37 -10.99 -18.52
N SER B 352 -16.47 -10.66 -17.24
CA SER B 352 -15.79 -11.51 -16.26
C SER B 352 -16.69 -11.73 -15.07
N LEU B 353 -17.07 -12.98 -14.87
CA LEU B 353 -17.99 -13.35 -13.81
C LEU B 353 -17.35 -13.64 -12.48
N CYS B 354 -18.20 -13.79 -11.48
CA CYS B 354 -17.77 -14.13 -10.15
C CYS B 354 -18.81 -15.17 -9.69
N LYS B 355 -18.51 -15.82 -8.56
CA LYS B 355 -19.37 -16.86 -8.00
C LYS B 355 -20.80 -16.39 -7.71
N TYR B 356 -20.98 -15.08 -7.57
CA TYR B 356 -22.29 -14.53 -7.25
C TYR B 356 -23.15 -14.19 -8.44
N ASN B 357 -22.60 -14.29 -9.64
CA ASN B 357 -23.39 -14.01 -10.83
C ASN B 357 -24.37 -15.14 -11.02
N THR B 358 -25.52 -14.83 -11.61
CA THR B 358 -26.58 -15.83 -11.79
C THR B 358 -27.03 -15.99 -13.23
N GLU B 359 -27.77 -17.07 -13.50
CA GLU B 359 -28.31 -17.34 -14.82
C GLU B 359 -29.32 -16.24 -15.18
N GLU B 360 -30.03 -15.74 -14.18
CA GLU B 360 -30.98 -14.67 -14.43
C GLU B 360 -30.23 -13.40 -14.95
N GLU B 361 -29.05 -13.12 -14.42
CA GLU B 361 -28.28 -11.97 -14.92
C GLU B 361 -27.81 -12.20 -16.35
N VAL B 362 -27.41 -13.44 -16.65
CA VAL B 362 -26.98 -13.79 -17.99
C VAL B 362 -28.13 -13.60 -18.98
N ASP B 363 -29.32 -14.07 -18.61
CA ASP B 363 -30.51 -13.95 -19.46
C ASP B 363 -30.81 -12.47 -19.69
N TYR B 364 -30.65 -11.67 -18.64
CA TYR B 364 -30.89 -10.23 -18.68
C TYR B 364 -29.85 -9.57 -19.58
N PHE B 365 -28.61 -10.00 -19.41
CA PHE B 365 -27.53 -9.46 -20.21
C PHE B 365 -27.74 -9.77 -21.69
N LEU B 366 -28.16 -10.99 -22.00
CA LEU B 366 -28.36 -11.39 -23.39
C LEU B 366 -29.53 -10.63 -24.02
N LYS B 367 -30.59 -10.45 -23.25
CA LYS B 367 -31.79 -9.73 -23.70
C LYS B 367 -31.45 -8.24 -23.96
N LYS B 368 -30.84 -7.59 -22.99
CA LYS B 368 -30.49 -6.18 -23.14
C LYS B 368 -29.47 -5.94 -24.23
N ILE B 369 -28.47 -6.80 -24.36
CA ILE B 369 -27.47 -6.56 -25.40
C ILE B 369 -28.05 -6.74 -26.80
N GLU B 370 -29.06 -7.61 -26.95
CA GLU B 370 -29.69 -7.82 -28.24
C GLU B 370 -30.42 -6.53 -28.63
N GLU B 371 -31.14 -5.94 -27.67
CA GLU B 371 -31.86 -4.68 -27.91
C GLU B 371 -30.88 -3.60 -28.33
N ILE B 372 -29.83 -3.42 -27.52
CA ILE B 372 -28.81 -2.41 -27.80
C ILE B 372 -28.28 -2.59 -29.22
N LEU B 373 -28.02 -3.84 -29.59
CA LEU B 373 -27.51 -4.12 -30.91
C LEU B 373 -28.50 -3.81 -32.03
N SER B 374 -29.79 -4.03 -31.79
CA SER B 374 -30.80 -3.75 -32.81
C SER B 374 -30.98 -2.23 -33.06
N PHE B 375 -30.79 -1.42 -32.01
CA PHE B 375 -30.90 0.04 -32.10
C PHE B 375 -29.71 0.57 -32.88
N LEU B 376 -28.54 -0.02 -32.65
CA LEU B 376 -27.33 0.39 -33.37
C LEU B 376 -27.37 -0.09 -34.82
#